data_3W8X
#
_entry.id   3W8X
#
_cell.length_a   71.246
_cell.length_b   85.175
_cell.length_c   79.363
_cell.angle_alpha   90.00
_cell.angle_beta   99.47
_cell.angle_gamma   90.00
#
_symmetry.space_group_name_H-M   'P 1 21 1'
#
loop_
_entity.id
_entity.type
_entity.pdbx_description
1 polymer 'Putative FAD-dependent oxygenase EncM'
2 non-polymer 'FLAVIN-ADENINE DINUCLEOTIDE'
3 non-polymer 6,6,6-trifluoro-1-phenylhexane-1,3,5-trione
4 non-polymer GLYCEROL
5 water water
#
_entity_poly.entity_id   1
_entity_poly.type   'polypeptide(L)'
_entity_poly.pdbx_seq_one_letter_code
;GSHGMQFPQLDPATLAAFSAAFRGELIWPSDADYDEARRIWNGTIDRRPALIARCTSTPDVVAAVSFARKSGLLVAVRGG
GHSMAGHSVCDGGIVIDLSLMNSIKVSRRLRRARAQGGCLLGAFDTATQAHMLATPAGVVSHTGLGGLVLGGGFGWLSRK
YGLSIDNLTSVEIVTADGGVLTASDTENPDLFWAVRGGGGNFGVVTAFEFDLHRVGPVRFASTYYSLDEGPQVIRAWRDH
MATAPDELTWALYLRLAPPLPELPADMHGKPVICAMSCWIGDPHEGERQLESILHAGKPHGLTKATLPYRALQAYSFPGA
VVPDRIYTKSGYLNELSDEATDTVLEHAADIASPFTQLELLYLGGAVARVPDDATAYPNRQSPFVTNLAAAWMDPTEDAR
HTAWAREGYRALAGHLSGGYVNFMNPGEADRTREAYGAAKFERLQGVKAKYDPTNLFRLNQNIPPSSP
;
_entity_poly.pdbx_strand_id   A,B
#
# COMPACT_ATOMS: atom_id res chain seq x y z
N GLN A 6 -33.45 -9.03 8.18
CA GLN A 6 -32.13 -9.70 7.76
C GLN A 6 -32.26 -11.19 7.50
N PHE A 7 -33.46 -11.72 7.69
CA PHE A 7 -33.66 -13.14 7.61
C PHE A 7 -34.82 -13.34 6.64
N PRO A 8 -34.72 -12.79 5.39
CA PRO A 8 -35.80 -12.86 4.47
C PRO A 8 -35.88 -14.24 3.81
N GLN A 9 -36.99 -14.45 3.10
CA GLN A 9 -37.31 -15.67 2.44
C GLN A 9 -36.77 -15.59 1.03
N LEU A 10 -35.86 -16.46 0.67
CA LEU A 10 -35.28 -16.36 -0.65
C LEU A 10 -35.83 -17.51 -1.51
N ASP A 11 -35.88 -17.29 -2.82
CA ASP A 11 -36.37 -18.35 -3.71
C ASP A 11 -35.30 -19.42 -3.98
N PRO A 12 -35.60 -20.71 -3.70
CA PRO A 12 -34.53 -21.73 -3.85
C PRO A 12 -33.96 -21.84 -5.28
N ALA A 13 -34.76 -21.70 -6.35
CA ALA A 13 -34.22 -21.78 -7.72
C ALA A 13 -33.28 -20.56 -7.96
N THR A 14 -33.72 -19.40 -7.54
CA THR A 14 -32.91 -18.13 -7.67
C THR A 14 -31.58 -18.28 -6.93
N LEU A 15 -31.64 -18.74 -5.69
CA LEU A 15 -30.46 -18.90 -4.87
C LEU A 15 -29.48 -19.92 -5.46
N ALA A 16 -30.05 -21.02 -5.94
CA ALA A 16 -29.21 -22.09 -6.47
C ALA A 16 -28.49 -21.65 -7.70
N ALA A 17 -29.18 -20.85 -8.51
CA ALA A 17 -28.59 -20.29 -9.71
C ALA A 17 -27.45 -19.33 -9.39
N PHE A 18 -27.66 -18.56 -8.36
CA PHE A 18 -26.56 -17.68 -7.86
C PHE A 18 -25.36 -18.48 -7.37
N SER A 19 -25.60 -19.47 -6.55
CA SER A 19 -24.55 -20.37 -6.07
C SER A 19 -23.72 -20.98 -7.14
N ALA A 20 -24.38 -21.49 -8.16
CA ALA A 20 -23.68 -22.13 -9.26
C ALA A 20 -22.81 -21.14 -10.02
N ALA A 21 -23.21 -19.86 -10.09
CA ALA A 21 -22.51 -18.91 -10.96
C ALA A 21 -21.42 -18.11 -10.21
N PHE A 22 -21.41 -18.22 -8.89
CA PHE A 22 -20.63 -17.31 -7.98
C PHE A 22 -19.46 -18.10 -7.44
N ARG A 23 -18.24 -17.56 -7.50
CA ARG A 23 -17.07 -18.25 -7.02
C ARG A 23 -16.39 -17.57 -5.81
N GLY A 24 -17.05 -16.55 -5.25
CA GLY A 24 -16.52 -15.81 -4.12
C GLY A 24 -17.03 -16.40 -2.83
N GLU A 25 -17.01 -15.60 -1.78
CA GLU A 25 -17.34 -16.01 -0.45
C GLU A 25 -18.65 -15.36 -0.04
N LEU A 26 -19.53 -16.12 0.62
CA LEU A 26 -20.78 -15.57 1.11
C LEU A 26 -20.70 -15.44 2.61
N ILE A 27 -21.26 -14.37 3.19
CA ILE A 27 -21.33 -14.27 4.61
C ILE A 27 -22.81 -14.07 4.98
N TRP A 28 -23.37 -15.00 5.79
CA TRP A 28 -24.72 -14.98 6.23
C TRP A 28 -24.82 -14.45 7.67
N PRO A 29 -26.01 -14.05 8.10
CA PRO A 29 -26.12 -13.51 9.42
C PRO A 29 -25.72 -14.43 10.57
N SER A 30 -25.79 -15.73 10.40
CA SER A 30 -25.37 -16.58 11.53
C SER A 30 -23.86 -16.86 11.52
N ASP A 31 -23.13 -16.41 10.51
CA ASP A 31 -21.71 -16.71 10.42
C ASP A 31 -20.94 -15.91 11.47
N ALA A 32 -19.84 -16.46 11.98
CA ALA A 32 -19.05 -15.81 13.05
C ALA A 32 -18.40 -14.48 12.61
N ASP A 33 -18.10 -14.35 11.33
CA ASP A 33 -17.50 -13.08 10.84
C ASP A 33 -18.51 -12.03 10.37
N TYR A 34 -19.80 -12.30 10.52
CA TYR A 34 -20.86 -11.38 10.04
C TYR A 34 -20.84 -10.04 10.73
N ASP A 35 -20.76 -9.98 12.04
CA ASP A 35 -20.76 -8.64 12.66
C ASP A 35 -19.52 -7.81 12.31
N GLU A 36 -18.38 -8.44 12.12
CA GLU A 36 -17.20 -7.68 11.75
C GLU A 36 -17.28 -7.30 10.27
N ALA A 37 -17.78 -8.18 9.45
CA ALA A 37 -17.88 -7.87 8.04
C ALA A 37 -18.85 -6.76 7.67
N ARG A 38 -19.90 -6.58 8.47
CA ARG A 38 -20.91 -5.55 8.20
C ARG A 38 -20.60 -4.15 8.74
N ARG A 39 -19.52 -4.05 9.51
CA ARG A 39 -19.09 -2.77 10.03
C ARG A 39 -18.39 -2.03 8.88
N ILE A 40 -18.64 -0.73 8.82
CA ILE A 40 -18.00 0.17 7.86
C ILE A 40 -17.27 1.25 8.65
N TRP A 41 -16.51 2.05 7.97
CA TRP A 41 -15.67 3.04 8.67
C TRP A 41 -16.49 3.98 9.57
N ASN A 42 -17.60 4.46 9.04
CA ASN A 42 -18.52 5.20 9.87
C ASN A 42 -19.27 4.30 10.90
N GLY A 43 -18.77 4.24 12.13
CA GLY A 43 -19.30 3.33 13.16
C GLY A 43 -20.67 3.69 13.67
N THR A 44 -21.17 4.88 13.34
CA THR A 44 -22.57 5.23 13.69
C THR A 44 -23.60 4.41 12.86
N ILE A 45 -23.14 3.77 11.78
CA ILE A 45 -24.03 3.07 10.88
C ILE A 45 -24.01 1.59 11.29
N ASP A 46 -25.14 1.13 11.79
CA ASP A 46 -25.22 -0.18 12.41
C ASP A 46 -26.34 -0.88 11.66
N ARG A 47 -26.00 -1.61 10.62
CA ARG A 47 -27.03 -2.28 9.75
C ARG A 47 -26.74 -3.75 9.51
N ARG A 48 -27.82 -4.51 9.20
CA ARG A 48 -27.73 -5.96 9.15
C ARG A 48 -28.26 -6.43 7.84
N PRO A 49 -27.35 -6.67 6.92
CA PRO A 49 -27.77 -7.15 5.64
C PRO A 49 -28.27 -8.60 5.73
N ALA A 50 -29.06 -8.98 4.74
CA ALA A 50 -29.47 -10.43 4.63
C ALA A 50 -28.27 -11.29 4.20
N LEU A 51 -27.35 -10.68 3.41
CA LEU A 51 -26.24 -11.42 2.84
C LEU A 51 -25.14 -10.46 2.46
N ILE A 52 -23.91 -10.86 2.74
CA ILE A 52 -22.73 -10.21 2.18
C ILE A 52 -22.11 -11.14 1.15
N ALA A 53 -21.99 -10.67 -0.09
CA ALA A 53 -21.37 -11.43 -1.15
C ALA A 53 -20.03 -10.86 -1.50
N ARG A 54 -18.96 -11.57 -1.08
CA ARG A 54 -17.58 -11.08 -1.37
C ARG A 54 -17.14 -11.56 -2.72
N CYS A 55 -17.28 -10.71 -3.71
CA CYS A 55 -17.04 -11.06 -5.09
C CYS A 55 -15.54 -11.15 -5.33
N THR A 56 -15.15 -12.04 -6.25
CA THR A 56 -13.75 -12.19 -6.57
C THR A 56 -13.42 -11.97 -8.04
N SER A 57 -14.40 -11.54 -8.85
CA SER A 57 -14.22 -11.46 -10.29
C SER A 57 -15.41 -10.73 -10.89
N THR A 58 -15.31 -10.33 -12.15
CA THR A 58 -16.41 -9.62 -12.81
C THR A 58 -17.66 -10.54 -12.90
N PRO A 59 -17.44 -11.80 -13.27
CA PRO A 59 -18.59 -12.70 -13.31
C PRO A 59 -19.29 -12.86 -11.94
N ASP A 60 -18.54 -12.81 -10.82
CA ASP A 60 -19.14 -12.83 -9.48
C ASP A 60 -20.11 -11.66 -9.29
N VAL A 61 -19.69 -10.47 -9.75
CA VAL A 61 -20.51 -9.27 -9.60
C VAL A 61 -21.78 -9.41 -10.51
N VAL A 62 -21.58 -9.90 -11.73
CA VAL A 62 -22.73 -10.12 -12.62
C VAL A 62 -23.72 -10.98 -11.83
N ALA A 63 -23.24 -12.06 -11.19
CA ALA A 63 -24.13 -13.04 -10.56
C ALA A 63 -24.85 -12.43 -9.37
N ALA A 64 -24.12 -11.63 -8.58
CA ALA A 64 -24.70 -10.97 -7.41
C ALA A 64 -25.76 -9.89 -7.77
N VAL A 65 -25.48 -9.13 -8.82
CA VAL A 65 -26.41 -8.13 -9.31
C VAL A 65 -27.68 -8.83 -9.77
N SER A 66 -27.50 -9.87 -10.57
CA SER A 66 -28.70 -10.55 -11.15
C SER A 66 -29.56 -11.18 -10.04
N PHE A 67 -28.89 -11.73 -9.06
CA PHE A 67 -29.51 -12.33 -7.92
C PHE A 67 -30.31 -11.32 -7.09
N ALA A 68 -29.69 -10.19 -6.81
CA ALA A 68 -30.34 -9.12 -6.12
C ALA A 68 -31.53 -8.60 -6.90
N ARG A 69 -31.39 -8.38 -8.22
CA ARG A 69 -32.47 -7.88 -9.05
C ARG A 69 -33.63 -8.89 -9.00
N LYS A 70 -33.33 -10.15 -9.22
CA LYS A 70 -34.41 -11.20 -9.24
C LYS A 70 -35.05 -11.41 -7.87
N SER A 71 -34.27 -11.27 -6.79
CA SER A 71 -34.79 -11.48 -5.45
C SER A 71 -35.43 -10.22 -4.80
N GLY A 72 -35.31 -9.08 -5.43
CA GLY A 72 -35.85 -7.84 -4.83
C GLY A 72 -35.08 -7.38 -3.59
N LEU A 73 -33.79 -7.70 -3.50
CA LEU A 73 -32.98 -7.34 -2.34
C LEU A 73 -32.36 -5.98 -2.62
N LEU A 74 -32.46 -5.09 -1.65
CA LEU A 74 -31.83 -3.74 -1.77
C LEU A 74 -30.31 -3.92 -1.94
N VAL A 75 -29.68 -3.22 -2.87
CA VAL A 75 -28.26 -3.41 -3.16
C VAL A 75 -27.35 -2.34 -2.51
N ALA A 76 -26.46 -2.76 -1.63
CA ALA A 76 -25.31 -1.97 -1.23
C ALA A 76 -24.10 -2.45 -1.99
N VAL A 77 -23.31 -1.51 -2.49
CA VAL A 77 -22.05 -1.85 -3.06
C VAL A 77 -20.94 -1.30 -2.15
N ARG A 78 -19.92 -2.11 -1.90
CA ARG A 78 -18.84 -1.72 -0.99
C ARG A 78 -17.50 -1.88 -1.66
N GLY A 79 -16.72 -0.80 -1.72
CA GLY A 79 -15.33 -0.85 -2.13
C GLY A 79 -14.46 -0.90 -0.86
N GLY A 80 -14.07 0.27 -0.37
CA GLY A 80 -13.22 0.41 0.84
C GLY A 80 -14.01 0.69 2.08
N GLY A 81 -15.33 0.87 1.95
CA GLY A 81 -16.19 1.09 3.13
C GLY A 81 -16.10 2.45 3.81
N HIS A 82 -15.54 3.43 3.11
CA HIS A 82 -15.33 4.79 3.64
C HIS A 82 -16.50 5.76 3.59
N SER A 83 -17.66 5.31 3.08
CA SER A 83 -18.80 6.22 2.84
C SER A 83 -19.14 7.01 4.07
N MET A 84 -19.01 8.33 3.95
CA MET A 84 -19.40 9.22 5.09
C MET A 84 -20.88 9.13 5.42
N ALA A 85 -21.65 8.76 4.41
CA ALA A 85 -23.12 8.61 4.51
C ALA A 85 -23.56 7.21 4.90
N GLY A 86 -22.63 6.29 4.99
CA GLY A 86 -22.99 4.91 5.33
C GLY A 86 -23.56 4.05 4.23
N HIS A 87 -23.30 4.41 2.99
CA HIS A 87 -23.94 3.75 1.91
C HIS A 87 -23.53 2.31 1.61
N SER A 88 -22.40 1.86 2.12
CA SER A 88 -21.86 0.55 1.75
C SER A 88 -22.35 -0.62 2.65
N VAL A 89 -23.37 -0.39 3.46
CA VAL A 89 -24.07 -1.45 4.18
C VAL A 89 -25.56 -1.10 4.25
N CYS A 90 -26.41 -2.15 4.24
CA CYS A 90 -27.83 -1.96 4.17
C CYS A 90 -28.48 -2.92 5.21
N ASP A 91 -29.65 -2.54 5.74
CA ASP A 91 -30.51 -3.49 6.48
C ASP A 91 -31.33 -4.30 5.49
N GLY A 92 -31.24 -5.65 5.56
CA GLY A 92 -32.19 -6.57 4.91
C GLY A 92 -31.88 -6.94 3.46
N GLY A 93 -30.84 -6.34 2.89
CA GLY A 93 -30.51 -6.54 1.45
C GLY A 93 -29.20 -7.26 1.27
N ILE A 94 -28.52 -7.03 0.15
CA ILE A 94 -27.30 -7.64 -0.17
C ILE A 94 -26.18 -6.58 -0.29
N VAL A 95 -25.04 -6.88 0.31
CA VAL A 95 -23.84 -6.11 0.04
C VAL A 95 -23.04 -6.85 -1.01
N ILE A 96 -22.89 -6.25 -2.16
CA ILE A 96 -22.00 -6.70 -3.20
C ILE A 96 -20.63 -6.10 -2.74
N ASP A 97 -19.89 -6.91 -1.99
CA ASP A 97 -18.64 -6.56 -1.34
C ASP A 97 -17.47 -6.85 -2.29
N LEU A 98 -16.78 -5.76 -2.71
CA LEU A 98 -15.68 -5.83 -3.70
C LEU A 98 -14.34 -5.91 -3.06
N SER A 99 -14.29 -5.97 -1.75
CA SER A 99 -12.98 -5.73 -1.10
C SER A 99 -11.91 -6.80 -1.44
N LEU A 100 -12.27 -8.02 -1.86
CA LEU A 100 -11.27 -8.97 -2.31
C LEU A 100 -10.81 -8.77 -3.73
N MET A 101 -11.44 -7.85 -4.49
CA MET A 101 -11.07 -7.54 -5.86
C MET A 101 -10.11 -6.31 -5.80
N ASN A 102 -8.82 -6.62 -5.58
CA ASN A 102 -7.76 -5.62 -5.15
C ASN A 102 -6.63 -5.74 -6.15
N SER A 103 -6.80 -6.43 -7.27
CA SER A 103 -5.63 -6.58 -8.17
C SER A 103 -5.36 -5.30 -9.00
N ILE A 104 -4.09 -5.09 -9.37
CA ILE A 104 -3.70 -3.91 -10.11
C ILE A 104 -2.64 -4.37 -11.14
N LYS A 105 -2.83 -4.01 -12.40
CA LYS A 105 -1.81 -4.28 -13.38
C LYS A 105 -1.26 -2.98 -13.84
N VAL A 106 0.06 -2.87 -13.87
CA VAL A 106 0.72 -1.64 -14.23
C VAL A 106 1.67 -1.87 -15.41
N SER A 107 1.46 -1.14 -16.50
CA SER A 107 2.42 -1.10 -17.59
C SER A 107 3.33 0.11 -17.48
N ARG A 108 4.60 -0.14 -17.28
CA ARG A 108 5.56 0.97 -17.24
C ARG A 108 5.71 1.65 -18.61
N ARG A 109 5.70 0.88 -19.65
CA ARG A 109 5.95 1.39 -20.97
C ARG A 109 4.80 2.20 -21.49
N LEU A 110 3.59 1.76 -21.16
CA LEU A 110 2.40 2.54 -21.55
C LEU A 110 2.01 3.64 -20.50
N ARG A 111 2.64 3.64 -19.34
CA ARG A 111 2.23 4.49 -18.20
C ARG A 111 0.73 4.43 -17.95
N ARG A 112 0.29 3.22 -17.69
CA ARG A 112 -1.11 2.87 -17.49
C ARG A 112 -1.29 1.84 -16.39
N ALA A 113 -2.37 1.94 -15.63
CA ALA A 113 -2.70 0.94 -14.62
C ALA A 113 -4.12 0.50 -14.83
N ARG A 114 -4.43 -0.79 -14.62
CA ARG A 114 -5.79 -1.25 -14.51
C ARG A 114 -5.97 -1.79 -13.10
N ALA A 115 -6.96 -1.27 -12.41
CA ALA A 115 -7.18 -1.55 -11.05
C ALA A 115 -8.61 -2.02 -10.84
N GLN A 116 -8.78 -3.10 -10.08
CA GLN A 116 -10.10 -3.64 -9.76
C GLN A 116 -10.83 -2.68 -8.82
N GLY A 117 -12.15 -2.79 -8.86
CA GLY A 117 -13.07 -1.86 -8.20
C GLY A 117 -13.09 -1.94 -6.66
N GLY A 118 -12.40 -2.91 -6.04
CA GLY A 118 -12.34 -3.02 -4.64
C GLY A 118 -10.99 -2.58 -4.04
N CYS A 119 -10.08 -2.05 -4.87
CA CYS A 119 -8.71 -1.71 -4.45
C CYS A 119 -8.75 -0.64 -3.35
N LEU A 120 -7.85 -0.78 -2.35
CA LEU A 120 -7.48 0.34 -1.47
C LEU A 120 -6.44 1.25 -2.12
N LEU A 121 -6.49 2.56 -1.79
CA LEU A 121 -5.53 3.45 -2.38
C LEU A 121 -4.09 2.99 -2.19
N GLY A 122 -3.75 2.54 -1.00
CA GLY A 122 -2.41 2.14 -0.65
C GLY A 122 -1.92 0.96 -1.47
N ALA A 123 -2.86 0.05 -1.85
CA ALA A 123 -2.47 -1.01 -2.74
C ALA A 123 -2.10 -0.48 -4.21
N PHE A 124 -2.89 0.44 -4.66
CA PHE A 124 -2.74 1.09 -5.98
C PHE A 124 -1.45 1.83 -5.97
N ASP A 125 -1.19 2.63 -4.91
CA ASP A 125 0.00 3.46 -4.91
C ASP A 125 1.26 2.62 -4.81
N THR A 126 1.16 1.54 -4.04
CA THR A 126 2.26 0.60 -3.94
C THR A 126 2.61 0.08 -5.35
N ALA A 127 1.57 -0.40 -6.07
CA ALA A 127 1.76 -0.94 -7.38
C ALA A 127 2.36 0.03 -8.44
N THR A 128 1.92 1.29 -8.46
CA THR A 128 2.39 2.17 -9.47
C THR A 128 3.79 2.68 -9.10
N GLN A 129 3.96 2.89 -7.76
CA GLN A 129 5.24 3.35 -7.28
C GLN A 129 6.38 2.36 -7.46
N ALA A 130 6.06 1.08 -7.72
CA ALA A 130 7.11 0.19 -8.06
C ALA A 130 7.89 0.70 -9.30
N HIS A 131 7.20 1.48 -10.14
CA HIS A 131 7.73 2.07 -11.37
C HIS A 131 7.95 3.57 -11.30
N MET A 132 7.91 4.12 -10.10
CA MET A 132 7.96 5.56 -9.89
C MET A 132 6.81 6.27 -10.58
N LEU A 133 5.67 5.59 -10.74
CA LEU A 133 4.52 6.18 -11.32
C LEU A 133 3.42 6.41 -10.30
N ALA A 134 2.48 7.25 -10.64
CA ALA A 134 1.32 7.60 -9.81
C ALA A 134 0.21 8.28 -10.58
N THR A 135 -0.95 8.29 -9.98
CA THR A 135 -1.96 9.16 -10.45
C THR A 135 -2.74 9.66 -9.20
N PRO A 136 -3.43 10.73 -9.36
CA PRO A 136 -4.07 11.33 -8.12
C PRO A 136 -5.13 10.53 -7.47
N ALA A 137 -5.15 10.60 -6.15
CA ALA A 137 -6.16 9.91 -5.39
C ALA A 137 -6.16 10.55 -4.00
N GLY A 138 -6.97 10.05 -3.09
CA GLY A 138 -7.05 10.71 -1.80
C GLY A 138 -5.86 10.49 -0.91
N VAL A 139 -5.92 11.14 0.25
CA VAL A 139 -4.72 11.24 1.11
C VAL A 139 -4.65 10.16 2.24
N VAL A 140 -5.69 9.29 2.40
CA VAL A 140 -5.69 8.25 3.46
C VAL A 140 -5.67 6.89 2.79
N SER A 141 -4.58 6.18 3.03
CA SER A 141 -4.25 5.02 2.25
C SER A 141 -5.35 3.91 2.22
N HIS A 142 -6.10 3.71 3.31
CA HIS A 142 -7.15 2.62 3.37
C HIS A 142 -8.47 3.06 2.85
N THR A 143 -8.57 4.28 2.32
CA THR A 143 -9.78 4.61 1.52
C THR A 143 -9.92 3.68 0.29
N GLY A 144 -11.15 3.42 -0.11
CA GLY A 144 -11.36 2.64 -1.31
C GLY A 144 -11.23 3.45 -2.56
N LEU A 145 -10.57 2.85 -3.56
CA LEU A 145 -10.49 3.43 -4.88
C LEU A 145 -11.83 3.70 -5.55
N GLY A 146 -12.74 2.74 -5.36
CA GLY A 146 -13.97 2.73 -6.03
C GLY A 146 -14.87 3.93 -5.77
N GLY A 147 -15.28 4.13 -4.54
CA GLY A 147 -16.18 5.23 -4.26
C GLY A 147 -15.48 6.55 -4.47
N LEU A 148 -14.18 6.57 -4.15
CA LEU A 148 -13.43 7.86 -4.22
C LEU A 148 -13.40 8.35 -5.71
N VAL A 149 -13.01 7.46 -6.64
CA VAL A 149 -12.96 7.81 -8.02
C VAL A 149 -14.32 8.17 -8.62
N LEU A 150 -15.36 7.37 -8.33
CA LEU A 150 -16.65 7.67 -8.91
C LEU A 150 -17.24 9.00 -8.49
N GLY A 151 -16.82 9.57 -7.37
CA GLY A 151 -17.23 10.92 -7.04
C GLY A 151 -16.28 12.06 -7.48
N GLY A 152 -15.11 11.70 -8.00
CA GLY A 152 -14.16 12.63 -8.53
C GLY A 152 -12.72 12.31 -8.07
N GLY A 153 -12.44 12.45 -6.77
CA GLY A 153 -11.23 12.01 -6.17
C GLY A 153 -10.15 13.08 -6.20
N PHE A 154 -9.84 13.65 -5.06
CA PHE A 154 -8.77 14.68 -5.00
C PHE A 154 -7.78 14.35 -3.91
N GLY A 155 -6.54 14.78 -4.11
CA GLY A 155 -5.53 14.74 -3.05
C GLY A 155 -4.28 15.45 -3.44
N TRP A 156 -3.13 14.99 -2.94
CA TRP A 156 -1.85 15.72 -3.10
C TRP A 156 -1.45 16.05 -4.55
N LEU A 157 -1.74 15.13 -5.47
CA LEU A 157 -1.41 15.30 -6.88
C LEU A 157 -2.43 16.07 -7.72
N SER A 158 -3.51 16.48 -7.12
CA SER A 158 -4.63 17.08 -7.89
C SER A 158 -4.35 18.49 -8.44
N ARG A 159 -3.63 19.37 -7.74
CA ARG A 159 -3.34 20.66 -8.30
C ARG A 159 -2.45 20.55 -9.55
N LYS A 160 -1.54 19.58 -9.60
CA LYS A 160 -0.73 19.39 -10.73
C LYS A 160 -1.40 18.56 -11.85
N TYR A 161 -2.06 17.48 -11.43
CA TYR A 161 -2.56 16.43 -12.40
C TYR A 161 -4.06 16.17 -12.49
N GLY A 162 -4.84 16.90 -11.74
CA GLY A 162 -6.26 16.84 -11.73
C GLY A 162 -6.87 15.84 -10.72
N LEU A 163 -8.18 15.64 -10.87
CA LEU A 163 -8.91 14.66 -10.10
C LEU A 163 -8.52 13.29 -10.60
N SER A 164 -8.80 12.28 -9.79
CA SER A 164 -8.67 10.93 -10.22
C SER A 164 -9.39 10.74 -11.59
N ILE A 165 -10.59 11.30 -11.71
CA ILE A 165 -11.40 11.09 -12.93
C ILE A 165 -10.80 11.74 -14.12
N ASP A 166 -9.90 12.69 -13.91
CA ASP A 166 -9.23 13.43 -15.00
C ASP A 166 -8.10 12.61 -15.58
N ASN A 167 -7.82 11.45 -14.98
CA ASN A 167 -6.83 10.56 -15.45
C ASN A 167 -7.38 9.19 -15.80
N LEU A 168 -8.69 9.08 -15.71
CA LEU A 168 -9.39 7.87 -16.03
C LEU A 168 -9.60 7.75 -17.51
N THR A 169 -9.21 6.61 -18.14
CA THR A 169 -9.42 6.46 -19.55
C THR A 169 -10.54 5.43 -19.93
N SER A 170 -10.89 4.48 -19.04
CA SER A 170 -12.02 3.59 -19.28
C SER A 170 -12.38 2.87 -18.04
N VAL A 171 -13.57 2.35 -18.03
CA VAL A 171 -14.00 1.49 -16.94
C VAL A 171 -14.69 0.21 -17.53
N GLU A 172 -14.67 -0.87 -16.78
CA GLU A 172 -15.55 -2.01 -16.99
C GLU A 172 -16.64 -1.92 -15.90
N ILE A 173 -17.91 -1.98 -16.29
CA ILE A 173 -18.95 -1.77 -15.42
C ILE A 173 -20.07 -2.78 -15.63
N VAL A 174 -20.56 -3.28 -14.51
CA VAL A 174 -21.69 -4.19 -14.54
C VAL A 174 -22.96 -3.35 -14.27
N THR A 175 -23.87 -3.33 -15.23
CA THR A 175 -25.10 -2.59 -15.12
C THR A 175 -26.25 -3.42 -14.51
N ALA A 176 -27.31 -2.74 -14.19
CA ALA A 176 -28.42 -3.30 -13.44
C ALA A 176 -29.04 -4.53 -14.09
N ASP A 177 -28.99 -4.65 -15.39
CA ASP A 177 -29.58 -5.84 -16.07
C ASP A 177 -28.60 -7.00 -16.16
N GLY A 178 -27.43 -6.86 -15.52
CA GLY A 178 -26.45 -7.92 -15.47
C GLY A 178 -25.45 -7.87 -16.61
N GLY A 179 -25.56 -6.88 -17.47
CA GLY A 179 -24.70 -6.71 -18.63
C GLY A 179 -23.36 -6.18 -18.18
N VAL A 180 -22.32 -6.53 -18.90
CA VAL A 180 -20.95 -5.96 -18.68
C VAL A 180 -20.60 -5.03 -19.83
N LEU A 181 -20.29 -3.75 -19.54
CA LEU A 181 -19.99 -2.79 -20.57
C LEU A 181 -18.61 -2.19 -20.31
N THR A 182 -17.98 -1.70 -21.38
CA THR A 182 -16.82 -0.81 -21.27
C THR A 182 -17.30 0.59 -21.59
N ALA A 183 -16.84 1.59 -20.82
CA ALA A 183 -17.16 2.95 -21.10
C ALA A 183 -15.85 3.74 -21.15
N SER A 184 -15.77 4.61 -22.16
CA SER A 184 -14.57 5.34 -22.45
C SER A 184 -14.99 6.55 -23.27
N ASP A 185 -14.05 7.35 -23.70
CA ASP A 185 -14.37 8.49 -24.59
C ASP A 185 -14.99 8.06 -25.91
N THR A 186 -14.66 6.87 -26.34
CA THR A 186 -15.14 6.42 -27.64
C THR A 186 -16.11 5.27 -27.55
N GLU A 187 -16.36 4.75 -26.38
CA GLU A 187 -17.31 3.69 -26.18
C GLU A 187 -18.34 4.00 -25.07
N ASN A 188 -19.65 3.94 -25.34
CA ASN A 188 -20.67 4.38 -24.38
C ASN A 188 -20.22 5.70 -23.64
N PRO A 189 -19.89 6.70 -24.39
CA PRO A 189 -19.36 7.94 -23.86
C PRO A 189 -20.31 8.68 -22.90
N ASP A 190 -21.62 8.50 -23.09
CA ASP A 190 -22.57 9.08 -22.16
C ASP A 190 -22.39 8.49 -20.77
N LEU A 191 -22.23 7.15 -20.72
CA LEU A 191 -21.98 6.49 -19.46
C LEU A 191 -20.62 6.89 -18.86
N PHE A 192 -19.63 7.09 -19.74
CA PHE A 192 -18.30 7.42 -19.31
C PHE A 192 -18.27 8.84 -18.68
N TRP A 193 -19.07 9.75 -19.22
CA TRP A 193 -19.27 11.11 -18.65
C TRP A 193 -19.84 10.95 -17.21
N ALA A 194 -20.86 10.09 -17.10
CA ALA A 194 -21.66 10.03 -15.85
C ALA A 194 -20.90 9.35 -14.71
N VAL A 195 -20.05 8.37 -15.03
CA VAL A 195 -19.30 7.69 -13.96
C VAL A 195 -18.17 8.57 -13.42
N ARG A 196 -17.76 9.56 -14.17
CA ARG A 196 -16.73 10.50 -13.77
C ARG A 196 -17.44 11.57 -12.94
N GLY A 197 -17.83 11.18 -11.73
CA GLY A 197 -18.45 12.14 -10.84
C GLY A 197 -19.84 11.78 -10.39
N GLY A 198 -20.45 10.77 -11.00
CA GLY A 198 -21.87 10.42 -10.70
C GLY A 198 -22.04 9.24 -9.73
N GLY A 199 -20.95 8.86 -9.06
CA GLY A 199 -21.01 7.87 -8.01
C GLY A 199 -21.31 6.45 -8.54
N GLY A 200 -21.85 5.63 -7.66
CA GLY A 200 -22.23 4.26 -8.02
C GLY A 200 -23.62 4.17 -8.67
N ASN A 201 -24.17 5.29 -9.11
CA ASN A 201 -25.55 5.34 -9.65
C ASN A 201 -25.78 4.49 -10.91
N PHE A 202 -24.70 4.19 -11.64
CA PHE A 202 -24.83 3.54 -12.95
C PHE A 202 -24.50 2.06 -13.08
N GLY A 203 -24.12 1.41 -12.01
CA GLY A 203 -23.52 0.09 -12.07
C GLY A 203 -22.32 -0.08 -11.18
N VAL A 204 -21.81 -1.31 -11.14
CA VAL A 204 -20.73 -1.68 -10.33
C VAL A 204 -19.51 -1.65 -11.18
N VAL A 205 -18.58 -0.74 -10.84
CA VAL A 205 -17.31 -0.71 -11.58
C VAL A 205 -16.39 -1.79 -11.07
N THR A 206 -15.97 -2.69 -11.96
CA THR A 206 -15.16 -3.82 -11.63
C THR A 206 -13.73 -3.55 -12.04
N ALA A 207 -13.52 -2.59 -12.92
CA ALA A 207 -12.14 -2.23 -13.28
C ALA A 207 -12.05 -0.78 -13.76
N PHE A 208 -11.02 -0.07 -13.31
CA PHE A 208 -10.74 1.30 -13.65
C PHE A 208 -9.36 1.34 -14.38
N GLU A 209 -9.26 2.04 -15.49
CA GLU A 209 -7.99 2.16 -16.19
C GLU A 209 -7.56 3.62 -16.15
N PHE A 210 -6.33 3.84 -15.75
CA PHE A 210 -5.77 5.19 -15.56
C PHE A 210 -4.51 5.44 -16.34
N ASP A 211 -4.31 6.68 -16.79
CA ASP A 211 -3.05 7.15 -17.22
C ASP A 211 -2.25 7.51 -15.97
N LEU A 212 -0.99 7.21 -16.00
CA LEU A 212 -0.07 7.48 -14.92
C LEU A 212 0.99 8.52 -15.25
N HIS A 213 1.48 9.19 -14.20
CA HIS A 213 2.61 10.10 -14.26
C HIS A 213 3.79 9.64 -13.46
N ARG A 214 4.96 10.09 -13.90
CA ARG A 214 6.20 9.88 -13.15
C ARG A 214 6.26 10.86 -11.97
N VAL A 215 6.35 10.32 -10.77
CA VAL A 215 6.38 11.11 -9.54
C VAL A 215 7.41 10.53 -8.62
N GLY A 216 8.53 11.26 -8.56
CA GLY A 216 9.68 10.88 -7.78
C GLY A 216 9.55 11.58 -6.41
N PRO A 217 10.67 11.72 -5.68
CA PRO A 217 10.58 12.21 -4.31
C PRO A 217 10.05 13.61 -4.19
N VAL A 218 9.24 13.75 -3.16
CA VAL A 218 8.47 15.00 -2.89
C VAL A 218 8.99 15.61 -1.59
N ARG A 219 9.23 16.90 -1.61
CA ARG A 219 9.52 17.64 -0.42
C ARG A 219 8.20 17.96 0.27
N PHE A 220 8.15 17.69 1.57
CA PHE A 220 6.93 17.75 2.41
C PHE A 220 7.29 18.45 3.70
N ALA A 221 6.30 19.20 4.20
CA ALA A 221 6.36 19.85 5.49
C ALA A 221 5.06 19.84 6.22
N SER A 222 5.16 19.63 7.55
CA SER A 222 4.01 19.90 8.38
C SER A 222 4.43 20.67 9.64
N THR A 223 3.57 21.58 10.04
CA THR A 223 3.91 22.45 11.16
C THR A 223 2.57 22.90 11.79
N TYR A 224 2.63 23.38 13.00
CA TYR A 224 1.41 23.73 13.75
C TYR A 224 1.55 25.20 14.19
N TYR A 225 0.47 25.96 14.09
CA TYR A 225 0.44 27.32 14.56
C TYR A 225 -0.63 27.43 15.64
N SER A 226 -0.36 28.27 16.63
CA SER A 226 -1.39 28.55 17.62
C SER A 226 -2.61 29.07 16.93
N LEU A 227 -3.77 28.68 17.39
CA LEU A 227 -5.00 29.11 16.81
C LEU A 227 -5.18 30.65 17.08
N ASP A 228 -4.41 31.23 17.98
CA ASP A 228 -4.46 32.68 18.21
C ASP A 228 -3.98 33.40 16.97
N GLU A 229 -3.07 32.76 16.19
CA GLU A 229 -2.56 33.30 14.91
C GLU A 229 -3.41 32.97 13.69
N GLY A 230 -4.57 32.37 13.92
CA GLY A 230 -5.49 31.99 12.83
C GLY A 230 -5.78 33.06 11.79
N PRO A 231 -6.01 34.32 12.26
CA PRO A 231 -6.38 35.29 11.25
C PRO A 231 -5.27 35.48 10.24
N GLN A 232 -4.05 35.73 10.73
CA GLN A 232 -2.94 35.92 9.85
C GLN A 232 -2.57 34.66 9.02
N VAL A 233 -2.62 33.52 9.66
CA VAL A 233 -2.25 32.25 8.98
C VAL A 233 -3.20 32.01 7.88
N ILE A 234 -4.49 32.10 8.14
CA ILE A 234 -5.48 31.77 7.10
C ILE A 234 -5.47 32.82 5.97
N ARG A 235 -5.26 34.07 6.32
CA ARG A 235 -5.10 35.14 5.32
C ARG A 235 -3.89 34.94 4.40
N ALA A 236 -2.76 34.58 4.99
CA ALA A 236 -1.55 34.23 4.23
C ALA A 236 -1.78 33.08 3.25
N TRP A 237 -2.43 32.07 3.76
CA TRP A 237 -2.79 30.85 2.99
C TRP A 237 -3.65 31.21 1.81
N ARG A 238 -4.79 31.88 2.08
CA ARG A 238 -5.67 32.17 0.95
C ARG A 238 -5.05 33.10 -0.05
N ASP A 239 -4.28 34.07 0.39
CA ASP A 239 -3.65 34.97 -0.55
C ASP A 239 -2.57 34.31 -1.37
N HIS A 240 -1.79 33.43 -0.75
CA HIS A 240 -0.70 32.77 -1.40
C HIS A 240 -1.25 31.82 -2.42
N MET A 241 -2.26 31.03 -2.02
CA MET A 241 -2.81 30.04 -2.97
C MET A 241 -3.45 30.62 -4.22
N ALA A 242 -4.02 31.83 -4.18
CA ALA A 242 -4.54 32.47 -5.36
C ALA A 242 -3.53 32.55 -6.54
N THR A 243 -2.25 32.66 -6.27
CA THR A 243 -1.26 32.84 -7.33
C THR A 243 -0.17 31.79 -7.28
N ALA A 244 -0.42 30.65 -6.59
CA ALA A 244 0.65 29.73 -6.33
C ALA A 244 0.86 28.83 -7.53
N PRO A 245 2.13 28.36 -7.75
CA PRO A 245 2.33 27.31 -8.77
C PRO A 245 1.41 26.10 -8.54
N ASP A 246 0.99 25.42 -9.61
CA ASP A 246 0.28 24.14 -9.44
C ASP A 246 1.06 23.13 -8.58
N GLU A 247 2.39 23.18 -8.59
CA GLU A 247 3.24 22.26 -7.88
C GLU A 247 3.08 22.32 -6.35
N LEU A 248 2.65 23.45 -5.81
CA LEU A 248 2.46 23.63 -4.38
C LEU A 248 1.06 23.11 -3.96
N THR A 249 0.98 22.29 -2.94
CA THR A 249 -0.29 21.98 -2.31
C THR A 249 -0.10 22.32 -0.83
N TRP A 250 -1.09 23.01 -0.26
CA TRP A 250 -1.02 23.51 1.13
C TRP A 250 -2.42 23.46 1.71
N ALA A 251 -2.58 22.65 2.75
CA ALA A 251 -3.88 22.41 3.41
C ALA A 251 -3.79 22.76 4.88
N LEU A 252 -4.91 23.24 5.48
CA LEU A 252 -4.96 23.63 6.89
C LEU A 252 -5.99 22.77 7.62
N TYR A 253 -5.59 22.22 8.76
CA TYR A 253 -6.46 21.34 9.58
C TYR A 253 -6.49 22.00 10.93
N LEU A 254 -7.66 22.50 11.28
CA LEU A 254 -7.83 23.11 12.57
C LEU A 254 -8.34 22.04 13.52
N ARG A 255 -7.61 21.87 14.61
CA ARG A 255 -7.78 20.69 15.48
C ARG A 255 -7.12 20.92 16.79
N LEU A 256 -7.39 20.03 17.74
CA LEU A 256 -6.63 20.00 18.97
C LEU A 256 -5.21 19.40 18.69
N ALA A 257 -4.17 20.01 19.22
CA ALA A 257 -2.82 19.56 18.86
C ALA A 257 -2.58 18.15 19.37
N PRO A 258 -2.15 17.25 18.49
CA PRO A 258 -1.83 15.89 18.94
C PRO A 258 -0.60 15.82 19.88
N PRO A 259 -0.59 14.86 20.82
CA PRO A 259 0.49 14.81 21.76
C PRO A 259 1.74 14.12 21.12
N LEU A 260 2.34 14.80 20.14
CA LEU A 260 3.51 14.32 19.42
C LEU A 260 4.78 14.97 19.99
N PRO A 261 5.95 14.27 19.93
CA PRO A 261 7.14 14.72 20.64
C PRO A 261 7.72 15.96 19.96
N GLU A 262 7.42 16.15 18.70
CA GLU A 262 7.90 17.36 18.02
C GLU A 262 7.21 18.63 18.53
N LEU A 263 6.03 18.50 19.17
CA LEU A 263 5.38 19.66 19.79
C LEU A 263 5.66 19.81 21.28
N PRO A 264 5.78 21.04 21.74
CA PRO A 264 5.93 21.29 23.17
C PRO A 264 4.74 20.77 23.96
N ALA A 265 5.00 20.15 25.10
CA ALA A 265 3.94 19.54 25.91
C ALA A 265 2.86 20.54 26.28
N ASP A 266 3.22 21.82 26.40
CA ASP A 266 2.24 22.85 26.74
C ASP A 266 1.23 23.19 25.64
N MET A 267 1.46 22.70 24.42
CA MET A 267 0.47 22.90 23.33
C MET A 267 -0.40 21.67 23.13
N HIS A 268 -0.03 20.54 23.74
CA HIS A 268 -0.82 19.29 23.56
C HIS A 268 -2.25 19.48 23.91
N GLY A 269 -3.15 19.08 23.01
CA GLY A 269 -4.54 19.11 23.33
C GLY A 269 -5.18 20.46 23.25
N LYS A 270 -4.47 21.44 22.78
CA LYS A 270 -5.06 22.76 22.60
C LYS A 270 -5.28 23.13 21.13
N PRO A 271 -6.08 24.17 20.88
CA PRO A 271 -6.51 24.43 19.52
C PRO A 271 -5.35 24.97 18.73
N VAL A 272 -5.15 24.33 17.57
CA VAL A 272 -4.10 24.78 16.67
C VAL A 272 -4.53 24.65 15.22
N ILE A 273 -3.70 25.20 14.36
CA ILE A 273 -3.79 24.92 12.93
C ILE A 273 -2.62 24.06 12.52
N CYS A 274 -2.93 22.89 12.00
CA CYS A 274 -1.88 22.00 11.46
C CYS A 274 -1.82 22.27 9.99
N ALA A 275 -0.70 22.77 9.52
CA ALA A 275 -0.56 23.04 8.08
C ALA A 275 0.29 21.95 7.42
N MET A 276 -0.18 21.35 6.35
CA MET A 276 0.58 20.34 5.63
C MET A 276 0.79 20.77 4.20
N SER A 277 2.02 20.67 3.71
CA SER A 277 2.30 21.20 2.44
C SER A 277 3.27 20.31 1.73
N CYS A 278 3.28 20.35 0.44
CA CYS A 278 4.20 19.55 -0.40
C CYS A 278 4.41 20.23 -1.75
N TRP A 279 5.55 19.95 -2.33
CA TRP A 279 5.87 20.39 -3.68
C TRP A 279 6.00 19.20 -4.64
N ILE A 280 5.05 19.14 -5.58
CA ILE A 280 5.00 18.06 -6.56
C ILE A 280 5.91 18.47 -7.71
N GLY A 281 7.14 18.03 -7.60
CA GLY A 281 8.23 18.56 -8.44
C GLY A 281 9.59 18.34 -7.83
N ASP A 282 10.56 19.06 -8.36
CA ASP A 282 11.94 18.84 -7.96
C ASP A 282 12.08 19.21 -6.46
N PRO A 283 12.81 18.41 -5.68
CA PRO A 283 12.87 18.70 -4.22
C PRO A 283 13.70 19.91 -3.77
N HIS A 284 14.70 20.35 -4.56
CA HIS A 284 15.40 21.59 -4.25
C HIS A 284 14.49 22.79 -4.44
N GLU A 285 13.76 22.81 -5.52
CA GLU A 285 12.76 23.85 -5.70
C GLU A 285 11.69 23.76 -4.61
N GLY A 286 11.25 22.57 -4.32
CA GLY A 286 10.30 22.40 -3.20
C GLY A 286 10.82 22.92 -1.88
N GLU A 287 12.07 22.65 -1.51
CA GLU A 287 12.60 23.24 -0.29
C GLU A 287 12.47 24.77 -0.22
N ARG A 288 12.80 25.44 -1.31
CA ARG A 288 12.71 26.88 -1.39
C ARG A 288 11.26 27.34 -1.33
N GLN A 289 10.36 26.64 -1.98
CA GLN A 289 8.95 27.04 -1.98
C GLN A 289 8.30 26.83 -0.58
N LEU A 290 8.62 25.71 0.05
CA LEU A 290 8.02 25.39 1.39
C LEU A 290 8.61 26.31 2.45
N GLU A 291 9.88 26.61 2.35
CA GLU A 291 10.46 27.56 3.34
C GLU A 291 9.77 28.93 3.29
N SER A 292 9.34 29.34 2.11
CA SER A 292 8.70 30.61 1.92
C SER A 292 7.29 30.70 2.57
N ILE A 293 6.63 29.58 2.84
CA ILE A 293 5.28 29.62 3.41
C ILE A 293 5.23 29.14 4.86
N LEU A 294 6.36 28.67 5.38
CA LEU A 294 6.31 28.06 6.70
C LEU A 294 6.17 29.12 7.83
N HIS A 295 6.44 30.39 7.55
CA HIS A 295 6.22 31.47 8.51
C HIS A 295 4.91 32.26 8.40
N ALA A 296 3.85 31.61 7.91
CA ALA A 296 2.51 32.16 7.90
C ALA A 296 2.12 32.56 9.34
N GLY A 297 2.55 31.78 10.33
CA GLY A 297 2.53 32.16 11.78
C GLY A 297 3.84 31.73 12.43
N LYS A 298 3.96 31.82 13.75
CA LYS A 298 5.13 31.23 14.46
C LYS A 298 5.07 29.66 14.38
N PRO A 299 6.00 29.01 13.64
CA PRO A 299 5.89 27.57 13.49
C PRO A 299 6.32 26.80 14.72
N HIS A 300 5.55 25.73 15.03
CA HIS A 300 5.90 24.77 16.04
C HIS A 300 5.83 23.37 15.52
N GLY A 301 6.62 22.47 16.08
CA GLY A 301 6.50 21.01 15.70
C GLY A 301 6.73 20.77 14.21
N LEU A 302 7.66 21.53 13.63
CA LEU A 302 7.96 21.40 12.19
C LEU A 302 8.52 20.05 11.85
N THR A 303 7.97 19.40 10.82
CA THR A 303 8.55 18.19 10.26
C THR A 303 8.79 18.53 8.78
N LYS A 304 10.00 18.35 8.32
CA LYS A 304 10.33 18.49 6.87
C LYS A 304 11.01 17.20 6.43
N ALA A 305 10.57 16.67 5.29
CA ALA A 305 11.14 15.40 4.82
C ALA A 305 11.12 15.40 3.29
N THR A 306 12.03 14.68 2.68
CA THR A 306 11.89 14.33 1.27
C THR A 306 11.42 12.88 1.20
N LEU A 307 10.20 12.66 0.68
CA LEU A 307 9.52 11.34 0.80
C LEU A 307 9.25 10.81 -0.56
N PRO A 308 9.35 9.48 -0.74
CA PRO A 308 8.69 8.87 -1.92
C PRO A 308 7.22 9.19 -1.91
N TYR A 309 6.61 9.42 -3.06
CA TYR A 309 5.21 9.73 -3.11
C TYR A 309 4.36 8.65 -2.33
N ARG A 310 4.77 7.41 -2.39
CA ARG A 310 4.00 6.37 -1.67
C ARG A 310 4.01 6.66 -0.15
N ALA A 311 5.11 7.22 0.38
CA ALA A 311 5.18 7.57 1.79
C ALA A 311 4.37 8.81 2.10
N LEU A 312 4.36 9.78 1.20
CA LEU A 312 3.48 10.92 1.36
C LEU A 312 2.02 10.43 1.47
N GLN A 313 1.64 9.57 0.55
CA GLN A 313 0.27 9.00 0.55
C GLN A 313 -0.05 8.23 1.87
N ALA A 314 0.94 7.57 2.44
CA ALA A 314 0.77 6.80 3.70
C ALA A 314 0.80 7.66 4.97
N TYR A 315 1.16 8.91 4.82
CA TYR A 315 1.44 9.76 6.02
C TYR A 315 0.17 10.17 6.79
N SER A 316 -0.84 10.58 6.08
CA SER A 316 -2.06 11.12 6.72
C SER A 316 -2.80 9.96 7.44
N PHE A 317 -3.06 10.08 8.77
CA PHE A 317 -2.47 11.04 9.74
C PHE A 317 -1.82 10.18 10.91
N PRO A 318 -0.66 10.58 11.47
CA PRO A 318 -0.05 9.82 12.57
C PRO A 318 -0.87 10.00 13.87
N GLY A 319 -1.76 9.07 14.17
CA GLY A 319 -2.39 9.05 15.48
C GLY A 319 -2.42 7.64 15.98
N ALA A 320 -2.69 7.50 17.27
CA ALA A 320 -2.51 6.24 17.96
C ALA A 320 -3.83 5.51 18.07
N VAL A 321 -4.93 6.23 17.82
CA VAL A 321 -6.26 5.56 17.85
C VAL A 321 -7.16 5.83 16.64
N VAL A 322 -7.88 4.78 16.18
CA VAL A 322 -8.74 4.90 15.02
C VAL A 322 -10.14 5.31 15.50
N PRO A 323 -10.63 6.46 15.03
CA PRO A 323 -11.92 6.94 15.54
C PRO A 323 -13.06 6.05 15.04
N ASP A 324 -13.99 5.74 15.91
CA ASP A 324 -15.10 4.83 15.61
C ASP A 324 -16.31 5.53 14.95
N ARG A 325 -16.58 6.77 15.30
CA ARG A 325 -17.83 7.44 14.95
C ARG A 325 -17.50 8.76 14.27
N ILE A 326 -18.16 9.09 13.19
CA ILE A 326 -17.88 10.29 12.46
C ILE A 326 -19.12 10.99 11.96
N TYR A 327 -18.99 12.28 11.75
CA TYR A 327 -20.07 13.08 11.17
C TYR A 327 -19.48 14.27 10.46
N THR A 328 -19.80 14.43 9.19
CA THR A 328 -19.22 15.48 8.36
C THR A 328 -20.22 16.45 7.78
N LYS A 329 -19.83 17.70 7.69
CA LYS A 329 -20.60 18.72 6.97
C LYS A 329 -19.61 19.52 6.16
N SER A 330 -19.83 19.58 4.89
CA SER A 330 -18.81 20.15 3.92
C SER A 330 -19.46 20.98 2.85
N GLY A 331 -18.72 21.99 2.38
CA GLY A 331 -19.16 22.74 1.21
C GLY A 331 -17.96 23.36 0.53
N TYR A 332 -18.18 23.88 -0.67
CA TYR A 332 -17.19 24.65 -1.38
C TYR A 332 -17.39 26.14 -1.13
N LEU A 333 -16.31 26.91 -1.26
CA LEU A 333 -16.38 28.36 -1.32
C LEU A 333 -15.70 28.88 -2.60
N ASN A 334 -16.30 29.90 -3.20
CA ASN A 334 -15.67 30.62 -4.30
C ASN A 334 -14.63 31.60 -3.82
N GLU A 335 -14.85 32.15 -2.67
CA GLU A 335 -13.87 33.02 -2.07
C GLU A 335 -13.94 32.85 -0.57
N LEU A 336 -12.85 33.20 0.11
CA LEU A 336 -12.80 33.08 1.57
C LEU A 336 -12.61 34.45 2.17
N SER A 337 -13.70 35.07 2.57
CA SER A 337 -13.64 36.46 3.07
C SER A 337 -13.10 36.50 4.47
N ASP A 338 -12.78 37.71 4.98
CA ASP A 338 -12.36 37.88 6.36
C ASP A 338 -13.50 37.47 7.31
N GLU A 339 -14.75 37.69 6.93
CA GLU A 339 -15.80 37.34 7.84
C GLU A 339 -16.02 35.79 7.90
N ALA A 340 -15.89 35.11 6.78
CA ALA A 340 -15.95 33.63 6.80
C ALA A 340 -14.79 33.04 7.60
N THR A 341 -13.61 33.68 7.48
CA THR A 341 -12.44 33.29 8.18
C THR A 341 -12.68 33.35 9.69
N ASP A 342 -13.25 34.48 10.14
CA ASP A 342 -13.51 34.63 11.56
C ASP A 342 -14.52 33.56 12.03
N THR A 343 -15.51 33.29 11.21
CA THR A 343 -16.51 32.26 11.53
C THR A 343 -15.84 30.89 11.68
N VAL A 344 -14.94 30.52 10.75
CA VAL A 344 -14.28 29.27 10.92
C VAL A 344 -13.44 29.24 12.19
N LEU A 345 -12.77 30.36 12.52
CA LEU A 345 -11.92 30.33 13.62
C LEU A 345 -12.69 30.21 14.94
N GLU A 346 -13.89 30.79 14.95
CA GLU A 346 -14.72 30.79 16.14
C GLU A 346 -15.20 29.37 16.38
N HIS A 347 -15.63 28.74 15.30
CA HIS A 347 -16.08 27.37 15.39
C HIS A 347 -14.99 26.36 15.69
N ALA A 348 -13.79 26.56 15.16
CA ALA A 348 -12.66 25.73 15.50
C ALA A 348 -12.28 25.85 16.98
N ALA A 349 -12.38 27.05 17.54
CA ALA A 349 -12.05 27.22 18.98
C ALA A 349 -13.00 26.39 19.87
N ASP A 350 -14.15 25.92 19.38
CA ASP A 350 -15.05 25.08 20.17
C ASP A 350 -14.78 23.59 20.05
N ILE A 351 -13.81 23.15 19.24
CA ILE A 351 -13.58 21.72 19.07
C ILE A 351 -13.29 20.98 20.44
N ALA A 352 -13.98 19.87 20.64
CA ALA A 352 -13.86 19.02 21.83
C ALA A 352 -13.12 17.68 21.60
N SER A 353 -13.57 16.86 20.65
CA SER A 353 -12.84 15.68 20.48
C SER A 353 -11.34 15.94 20.00
N PRO A 354 -10.38 15.15 20.50
CA PRO A 354 -9.07 15.12 19.80
C PRO A 354 -8.98 14.55 18.41
N PHE A 355 -10.06 13.99 17.81
CA PHE A 355 -10.03 13.47 16.48
C PHE A 355 -10.77 14.35 15.46
N THR A 356 -11.45 15.36 15.97
CA THR A 356 -12.24 16.25 15.13
C THR A 356 -11.31 17.23 14.39
N GLN A 357 -11.62 17.52 13.14
CA GLN A 357 -10.89 18.59 12.47
C GLN A 357 -11.82 19.43 11.64
N LEU A 358 -11.52 20.72 11.59
CA LEU A 358 -12.08 21.62 10.58
C LEU A 358 -11.03 21.83 9.52
N GLU A 359 -11.30 21.27 8.35
CA GLU A 359 -10.35 21.24 7.25
C GLU A 359 -10.60 22.37 6.25
N LEU A 360 -9.53 22.95 5.77
CA LEU A 360 -9.57 23.98 4.76
C LEU A 360 -8.62 23.56 3.64
N LEU A 361 -9.21 23.24 2.49
CA LEU A 361 -8.50 22.74 1.34
C LEU A 361 -8.52 23.81 0.26
N TYR A 362 -7.49 23.81 -0.58
CA TYR A 362 -7.50 24.66 -1.77
C TYR A 362 -7.18 23.76 -3.00
N LEU A 363 -8.14 23.67 -3.92
CA LEU A 363 -7.99 22.83 -5.09
C LEU A 363 -7.57 23.73 -6.27
N GLY A 364 -8.42 24.04 -7.24
CA GLY A 364 -7.94 24.90 -8.34
C GLY A 364 -6.87 24.21 -9.12
N GLY A 365 -5.85 24.94 -9.61
CA GLY A 365 -4.78 24.29 -10.44
C GLY A 365 -5.41 23.51 -11.60
N ALA A 366 -4.95 22.30 -11.82
CA ALA A 366 -5.38 21.49 -12.95
C ALA A 366 -6.87 21.14 -12.88
N VAL A 367 -7.43 21.05 -11.67
CA VAL A 367 -8.80 20.66 -11.51
C VAL A 367 -9.70 21.68 -12.18
N ALA A 368 -9.34 22.97 -12.03
CA ALA A 368 -10.12 24.07 -12.61
C ALA A 368 -9.88 24.37 -14.09
N ARG A 369 -8.90 23.74 -14.64
CA ARG A 369 -8.65 23.91 -16.07
C ARG A 369 -9.46 23.00 -16.93
N VAL A 370 -10.07 21.95 -16.38
CA VAL A 370 -11.00 21.10 -17.14
C VAL A 370 -12.37 21.79 -17.28
N PRO A 371 -12.92 21.85 -18.51
CA PRO A 371 -14.16 22.59 -18.64
C PRO A 371 -15.25 21.94 -17.79
N ASP A 372 -16.09 22.77 -17.21
CA ASP A 372 -17.07 22.33 -16.26
C ASP A 372 -17.98 21.23 -16.84
N ASP A 373 -18.30 21.30 -18.14
CA ASP A 373 -19.20 20.28 -18.67
C ASP A 373 -18.49 18.99 -19.11
N ALA A 374 -17.17 18.89 -18.94
CA ALA A 374 -16.46 17.70 -19.45
C ALA A 374 -16.66 16.39 -18.67
N THR A 375 -17.11 16.51 -17.40
CA THR A 375 -17.41 15.33 -16.59
C THR A 375 -18.58 15.66 -15.74
N ALA A 376 -19.10 14.64 -15.05
CA ALA A 376 -20.18 14.85 -14.06
C ALA A 376 -19.74 15.52 -12.74
N TYR A 377 -18.45 15.72 -12.53
CA TYR A 377 -17.98 16.41 -11.29
C TYR A 377 -18.34 17.87 -11.32
N PRO A 378 -19.09 18.32 -10.31
CA PRO A 378 -19.43 19.72 -10.26
C PRO A 378 -18.45 20.57 -9.40
N ASN A 379 -18.58 21.86 -9.54
CA ASN A 379 -17.84 22.81 -8.67
C ASN A 379 -16.34 22.94 -8.96
N ARG A 380 -15.88 22.66 -10.17
CA ARG A 380 -14.46 22.77 -10.46
C ARG A 380 -13.94 24.17 -10.24
N GLN A 381 -14.78 25.18 -10.45
CA GLN A 381 -14.28 26.54 -10.41
C GLN A 381 -14.25 27.14 -8.98
N SER A 382 -14.76 26.41 -8.01
CA SER A 382 -14.64 26.81 -6.62
C SER A 382 -13.33 26.30 -6.05
N PRO A 383 -12.42 27.17 -5.66
CA PRO A 383 -11.21 26.50 -5.22
C PRO A 383 -11.11 26.05 -3.78
N PHE A 384 -11.98 26.53 -2.91
CA PHE A 384 -11.88 26.21 -1.53
C PHE A 384 -12.90 25.13 -1.18
N VAL A 385 -12.49 24.18 -0.34
CA VAL A 385 -13.39 23.20 0.32
C VAL A 385 -13.18 23.31 1.82
N THR A 386 -14.27 23.33 2.57
CA THR A 386 -14.23 23.30 4.04
C THR A 386 -15.01 22.06 4.50
N ASN A 387 -14.47 21.34 5.46
CA ASN A 387 -15.13 20.12 5.91
C ASN A 387 -15.08 20.16 7.41
N LEU A 388 -16.23 20.23 8.06
CA LEU A 388 -16.28 20.09 9.48
C LEU A 388 -16.42 18.60 9.77
N ALA A 389 -15.31 17.96 10.11
CA ALA A 389 -15.20 16.51 10.23
C ALA A 389 -15.10 16.12 11.67
N ALA A 390 -16.26 16.02 12.28
CA ALA A 390 -16.31 15.49 13.67
C ALA A 390 -16.03 14.00 13.70
N ALA A 391 -15.27 13.60 14.69
CA ALA A 391 -14.87 12.22 14.88
C ALA A 391 -14.66 11.99 16.39
N TRP A 392 -15.14 10.84 16.86
CA TRP A 392 -15.20 10.57 18.26
C TRP A 392 -15.36 9.06 18.53
N MET A 393 -15.34 8.72 19.80
CA MET A 393 -15.50 7.32 20.20
C MET A 393 -16.80 6.91 20.87
N ASP A 394 -17.23 7.65 21.88
CA ASP A 394 -18.38 7.30 22.75
C ASP A 394 -19.79 7.65 22.20
N PRO A 395 -20.65 6.63 21.95
CA PRO A 395 -21.98 6.87 21.35
C PRO A 395 -22.84 7.82 22.13
N THR A 396 -22.54 8.02 23.43
CA THR A 396 -23.39 8.89 24.23
C THR A 396 -23.07 10.35 23.92
N GLU A 397 -21.99 10.55 23.14
CA GLU A 397 -21.58 11.87 22.74
C GLU A 397 -22.10 12.30 21.36
N ASP A 398 -22.85 11.44 20.67
CA ASP A 398 -23.22 11.67 19.30
C ASP A 398 -23.93 13.01 19.07
N ALA A 399 -24.85 13.37 19.97
CA ALA A 399 -25.69 14.52 19.75
C ALA A 399 -24.77 15.78 19.86
N ARG A 400 -23.83 15.76 20.75
CA ARG A 400 -22.90 16.88 20.93
C ARG A 400 -21.96 17.13 19.73
N HIS A 401 -21.30 16.09 19.30
CA HIS A 401 -20.42 16.24 18.13
C HIS A 401 -21.15 16.64 16.84
N THR A 402 -22.33 16.03 16.60
CA THR A 402 -23.13 16.25 15.46
C THR A 402 -23.62 17.71 15.47
N ALA A 403 -24.03 18.16 16.63
CA ALA A 403 -24.43 19.60 16.75
C ALA A 403 -23.30 20.57 16.41
N TRP A 404 -22.06 20.28 16.80
CA TRP A 404 -20.93 21.14 16.51
C TRP A 404 -20.82 21.35 14.98
N ALA A 405 -20.92 20.25 14.27
CA ALA A 405 -20.75 20.25 12.83
C ALA A 405 -21.89 20.99 12.16
N ARG A 406 -23.15 20.74 12.58
CA ARG A 406 -24.27 21.41 11.99
C ARG A 406 -24.26 22.89 12.31
N GLU A 407 -23.89 23.26 13.53
CA GLU A 407 -23.78 24.65 13.85
C GLU A 407 -22.75 25.47 13.02
N GLY A 408 -21.59 24.91 12.78
CA GLY A 408 -20.58 25.53 11.94
C GLY A 408 -21.00 25.66 10.51
N TYR A 409 -21.66 24.62 10.03
CA TYR A 409 -22.19 24.62 8.68
C TYR A 409 -23.22 25.75 8.49
N ARG A 410 -24.20 25.84 9.37
CA ARG A 410 -25.24 26.83 9.29
C ARG A 410 -24.59 28.22 9.44
N ALA A 411 -23.53 28.33 10.20
CA ALA A 411 -22.97 29.70 10.36
C ALA A 411 -22.27 30.13 9.09
N LEU A 412 -21.76 29.14 8.34
CA LEU A 412 -21.05 29.40 7.08
C LEU A 412 -21.93 29.39 5.87
N ALA A 413 -23.21 29.02 5.99
CA ALA A 413 -23.91 28.60 4.79
C ALA A 413 -24.09 29.65 3.69
N GLY A 414 -24.17 30.91 4.08
CA GLY A 414 -24.15 32.06 3.13
C GLY A 414 -22.89 32.19 2.28
N HIS A 415 -21.79 31.56 2.70
CA HIS A 415 -20.52 31.57 1.98
C HIS A 415 -20.32 30.28 1.13
N LEU A 416 -21.09 29.23 1.45
CA LEU A 416 -20.89 27.92 0.82
C LEU A 416 -21.72 27.75 -0.42
N SER A 417 -21.17 26.99 -1.36
CA SER A 417 -21.92 26.54 -2.52
C SER A 417 -21.65 25.07 -2.78
N GLY A 418 -22.57 24.42 -3.45
CA GLY A 418 -22.44 23.06 -3.85
C GLY A 418 -22.18 22.12 -2.70
N GLY A 419 -21.35 21.12 -2.97
CA GLY A 419 -20.94 20.15 -1.99
C GLY A 419 -20.31 19.01 -2.76
N TYR A 420 -19.33 18.38 -2.15
CA TYR A 420 -18.67 17.20 -2.76
C TYR A 420 -19.45 16.03 -2.30
N VAL A 421 -19.94 15.21 -3.23
CA VAL A 421 -20.77 14.10 -2.89
C VAL A 421 -20.05 13.15 -1.98
N ASN A 422 -18.71 13.03 -2.10
CA ASN A 422 -18.01 12.12 -1.30
C ASN A 422 -17.74 12.58 0.19
N PHE A 423 -18.23 13.77 0.53
CA PHE A 423 -18.17 14.21 1.93
C PHE A 423 -19.54 14.35 2.57
N MET A 424 -20.57 13.79 1.95
CA MET A 424 -21.91 13.90 2.48
C MET A 424 -22.18 12.92 3.63
N ASN A 425 -23.04 13.32 4.57
CA ASN A 425 -23.32 12.53 5.75
C ASN A 425 -24.67 11.76 5.56
N PRO A 426 -25.00 10.85 6.50
CA PRO A 426 -26.18 9.95 6.20
C PRO A 426 -27.48 10.70 6.11
N GLY A 427 -27.51 11.93 6.63
CA GLY A 427 -28.69 12.83 6.59
C GLY A 427 -28.81 13.80 5.42
N GLU A 428 -27.88 13.73 4.44
CA GLU A 428 -27.82 14.70 3.34
C GLU A 428 -28.29 14.20 1.96
N ALA A 429 -29.26 13.27 1.90
CA ALA A 429 -29.82 12.85 0.58
C ALA A 429 -30.36 14.00 -0.24
N ASP A 430 -30.94 14.95 0.47
CA ASP A 430 -31.58 16.12 -0.11
C ASP A 430 -30.59 17.15 -0.72
N ARG A 431 -29.27 16.97 -0.46
CA ARG A 431 -28.26 17.88 -1.03
C ARG A 431 -27.81 17.54 -2.48
N THR A 432 -28.25 16.41 -3.04
CA THR A 432 -27.80 15.93 -4.36
C THR A 432 -28.02 16.92 -5.50
N ARG A 433 -29.22 17.50 -5.64
CA ARG A 433 -29.47 18.51 -6.65
C ARG A 433 -28.65 19.80 -6.55
N GLU A 434 -28.45 20.27 -5.36
CA GLU A 434 -27.60 21.50 -5.17
C GLU A 434 -26.12 21.18 -5.36
N ALA A 435 -25.69 19.95 -5.04
CA ALA A 435 -24.26 19.58 -5.23
C ALA A 435 -23.91 19.61 -6.72
N TYR A 436 -24.75 19.01 -7.55
CA TYR A 436 -24.49 18.93 -8.98
C TYR A 436 -24.92 20.14 -9.78
N GLY A 437 -25.98 20.78 -9.35
CA GLY A 437 -26.58 21.88 -10.10
C GLY A 437 -27.54 21.32 -11.11
N ALA A 438 -28.42 22.19 -11.63
CA ALA A 438 -29.59 21.72 -12.35
C ALA A 438 -29.27 21.10 -13.67
N ALA A 439 -28.39 21.71 -14.46
CA ALA A 439 -28.04 21.12 -15.75
C ALA A 439 -27.37 19.74 -15.65
N LYS A 440 -26.40 19.62 -14.75
CA LYS A 440 -25.70 18.35 -14.60
C LYS A 440 -26.62 17.31 -14.04
N PHE A 441 -27.43 17.71 -13.06
CA PHE A 441 -28.36 16.81 -12.48
C PHE A 441 -29.35 16.28 -13.50
N GLU A 442 -29.86 17.15 -14.37
CA GLU A 442 -30.73 16.68 -15.47
C GLU A 442 -30.06 15.72 -16.46
N ARG A 443 -28.86 16.07 -16.93
CA ARG A 443 -28.10 15.19 -17.80
C ARG A 443 -27.88 13.82 -17.12
N LEU A 444 -27.46 13.84 -15.85
CA LEU A 444 -27.29 12.58 -15.07
C LEU A 444 -28.59 11.74 -14.97
N GLN A 445 -29.76 12.40 -14.81
CA GLN A 445 -31.00 11.62 -14.75
C GLN A 445 -31.33 10.96 -16.08
N GLY A 446 -31.02 11.65 -17.15
CA GLY A 446 -31.06 11.07 -18.48
C GLY A 446 -30.22 9.81 -18.66
N VAL A 447 -28.98 9.83 -18.20
CA VAL A 447 -28.14 8.69 -18.32
C VAL A 447 -28.63 7.59 -17.43
N LYS A 448 -29.10 7.96 -16.25
CA LYS A 448 -29.71 7.02 -15.32
C LYS A 448 -30.93 6.28 -15.94
N ALA A 449 -31.75 7.01 -16.67
CA ALA A 449 -32.98 6.38 -17.25
C ALA A 449 -32.60 5.33 -18.24
N LYS A 450 -31.43 5.51 -18.87
CA LYS A 450 -30.93 4.59 -19.87
C LYS A 450 -30.29 3.36 -19.23
N TYR A 451 -29.39 3.55 -18.27
CA TYR A 451 -28.65 2.42 -17.68
C TYR A 451 -29.15 1.84 -16.38
N ASP A 452 -29.91 2.60 -15.59
CA ASP A 452 -30.47 2.10 -14.35
C ASP A 452 -31.89 2.61 -14.20
N PRO A 453 -32.75 2.30 -15.19
CA PRO A 453 -34.15 2.82 -15.14
C PRO A 453 -34.98 2.45 -13.93
N THR A 454 -34.67 1.38 -13.23
CA THR A 454 -35.43 0.95 -12.02
C THR A 454 -34.76 1.40 -10.72
N ASN A 455 -33.69 2.18 -10.87
CA ASN A 455 -32.99 2.66 -9.69
C ASN A 455 -32.56 1.55 -8.79
N LEU A 456 -31.99 0.49 -9.36
CA LEU A 456 -31.49 -0.59 -8.55
C LEU A 456 -30.33 -0.17 -7.63
N PHE A 457 -29.48 0.73 -8.11
CA PHE A 457 -28.33 1.26 -7.36
C PHE A 457 -28.74 2.65 -6.80
N ARG A 458 -29.22 2.61 -5.58
CA ARG A 458 -29.67 3.77 -4.91
C ARG A 458 -29.07 4.00 -3.53
N LEU A 459 -28.07 3.21 -3.10
CA LEU A 459 -27.33 3.52 -1.88
C LEU A 459 -26.07 4.24 -2.31
N ASN A 460 -26.29 5.53 -2.58
CA ASN A 460 -25.28 6.44 -3.05
C ASN A 460 -25.93 7.81 -2.95
N GLN A 461 -25.23 8.89 -3.32
CA GLN A 461 -25.95 10.16 -3.47
C GLN A 461 -26.76 10.04 -4.73
N ASN A 462 -28.05 9.80 -4.52
CA ASN A 462 -28.83 9.11 -5.57
C ASN A 462 -29.38 10.06 -6.59
N ILE A 463 -29.30 9.64 -7.85
CA ILE A 463 -29.83 10.33 -8.98
C ILE A 463 -30.99 9.50 -9.53
N PRO A 464 -32.24 9.84 -9.20
CA PRO A 464 -33.35 9.04 -9.80
C PRO A 464 -33.46 9.25 -11.30
N PRO A 465 -33.88 8.28 -12.08
CA PRO A 465 -34.02 8.40 -13.56
C PRO A 465 -35.13 9.43 -13.84
N SER A 466 -35.16 10.31 -14.84
CA SER A 466 -35.36 10.02 -16.24
C SER A 466 -34.59 10.85 -17.25
N GLN B 6 10.62 -22.04 -26.16
CA GLN B 6 9.69 -20.80 -26.22
C GLN B 6 8.36 -21.02 -26.92
N PHE B 7 8.39 -21.79 -28.02
CA PHE B 7 7.18 -22.36 -28.59
C PHE B 7 7.33 -23.89 -28.56
N PRO B 8 7.23 -24.49 -27.37
CA PRO B 8 7.23 -25.95 -27.35
C PRO B 8 5.90 -26.54 -27.81
N GLN B 9 5.93 -27.73 -28.37
CA GLN B 9 4.69 -28.37 -28.74
C GLN B 9 4.00 -28.80 -27.47
N LEU B 10 2.75 -28.41 -27.29
CA LEU B 10 1.96 -28.87 -26.17
C LEU B 10 0.87 -29.78 -26.67
N ASP B 11 0.34 -30.58 -25.78
CA ASP B 11 -0.76 -31.46 -26.12
C ASP B 11 -2.05 -30.68 -26.16
N PRO B 12 -2.72 -30.67 -27.34
CA PRO B 12 -3.92 -29.82 -27.48
C PRO B 12 -5.03 -30.13 -26.47
N ALA B 13 -5.29 -31.43 -26.24
CA ALA B 13 -6.21 -31.87 -25.20
C ALA B 13 -5.82 -31.40 -23.79
N THR B 14 -4.55 -31.42 -23.43
CA THR B 14 -4.27 -31.05 -22.05
C THR B 14 -4.21 -29.52 -21.91
N LEU B 15 -3.96 -28.84 -23.02
CA LEU B 15 -4.01 -27.38 -23.10
C LEU B 15 -5.47 -26.90 -23.01
N ALA B 16 -6.35 -27.52 -23.78
CA ALA B 16 -7.74 -27.15 -23.70
C ALA B 16 -8.37 -27.44 -22.35
N ALA B 17 -7.97 -28.53 -21.70
CA ALA B 17 -8.52 -28.82 -20.36
C ALA B 17 -8.02 -27.77 -19.33
N PHE B 18 -6.76 -27.41 -19.46
CA PHE B 18 -6.19 -26.33 -18.66
C PHE B 18 -6.98 -25.03 -18.86
N SER B 19 -7.08 -24.62 -20.10
CA SER B 19 -7.88 -23.44 -20.46
C SER B 19 -9.29 -23.44 -19.91
N ALA B 20 -9.99 -24.56 -20.05
CA ALA B 20 -11.33 -24.59 -19.49
C ALA B 20 -11.31 -24.44 -17.97
N ALA B 21 -10.29 -24.97 -17.30
CA ALA B 21 -10.31 -25.00 -15.86
C ALA B 21 -9.74 -23.68 -15.25
N PHE B 22 -9.18 -22.82 -16.08
CA PHE B 22 -8.37 -21.64 -15.61
C PHE B 22 -9.17 -20.40 -15.87
N ARG B 23 -9.38 -19.58 -14.84
CA ARG B 23 -10.19 -18.39 -15.01
C ARG B 23 -9.31 -17.15 -15.23
N GLY B 24 -8.01 -17.29 -15.00
CA GLY B 24 -7.11 -16.19 -15.07
C GLY B 24 -6.70 -15.85 -16.46
N GLU B 25 -5.62 -15.10 -16.63
CA GLU B 25 -5.17 -14.66 -17.94
C GLU B 25 -3.94 -15.41 -18.39
N LEU B 26 -3.85 -15.71 -19.67
CA LEU B 26 -2.70 -16.42 -20.23
C LEU B 26 -1.96 -15.44 -21.14
N ILE B 27 -0.63 -15.37 -21.01
CA ILE B 27 0.16 -14.48 -21.83
C ILE B 27 1.21 -15.29 -22.59
N TRP B 28 1.11 -15.26 -23.92
CA TRP B 28 1.92 -16.09 -24.75
C TRP B 28 3.03 -15.25 -25.32
N PRO B 29 4.09 -15.87 -25.83
CA PRO B 29 5.20 -15.13 -26.40
C PRO B 29 4.87 -14.16 -27.55
N SER B 30 3.78 -14.40 -28.26
CA SER B 30 3.39 -13.55 -29.38
C SER B 30 2.70 -12.29 -28.92
N ASP B 31 2.25 -12.28 -27.67
CA ASP B 31 1.38 -11.24 -27.14
C ASP B 31 2.15 -9.92 -26.93
N ALA B 32 1.47 -8.80 -27.18
CA ALA B 32 2.02 -7.43 -26.95
C ALA B 32 2.58 -7.21 -25.56
N ASP B 33 1.95 -7.76 -24.56
CA ASP B 33 2.43 -7.56 -23.19
C ASP B 33 3.46 -8.58 -22.69
N TYR B 34 3.82 -9.56 -23.53
CA TYR B 34 4.82 -10.55 -23.12
C TYR B 34 6.16 -9.98 -22.67
N ASP B 35 6.76 -9.06 -23.40
CA ASP B 35 8.09 -8.64 -22.99
C ASP B 35 8.07 -7.89 -21.63
N GLU B 36 7.03 -7.11 -21.37
CA GLU B 36 6.89 -6.49 -20.04
C GLU B 36 6.57 -7.49 -18.95
N ALA B 37 5.69 -8.45 -19.22
CA ALA B 37 5.26 -9.39 -18.22
C ALA B 37 6.39 -10.33 -17.76
N ARG B 38 7.33 -10.64 -18.66
CA ARG B 38 8.42 -11.49 -18.37
C ARG B 38 9.59 -10.79 -17.65
N ARG B 39 9.58 -9.46 -17.52
CA ARG B 39 10.63 -8.67 -16.82
C ARG B 39 10.42 -8.83 -15.29
N ILE B 40 11.49 -9.01 -14.56
CA ILE B 40 11.47 -9.12 -13.10
C ILE B 40 12.36 -8.00 -12.57
N TRP B 41 12.38 -7.77 -11.27
CA TRP B 41 13.12 -6.58 -10.76
C TRP B 41 14.61 -6.69 -11.11
N ASN B 42 15.21 -7.86 -11.09
CA ASN B 42 16.61 -8.03 -11.48
C ASN B 42 16.64 -8.01 -13.01
N GLY B 43 16.86 -6.85 -13.58
CA GLY B 43 16.88 -6.68 -15.04
C GLY B 43 18.03 -7.37 -15.74
N THR B 44 19.03 -7.88 -15.03
CA THR B 44 20.10 -8.68 -15.66
C THR B 44 19.53 -10.03 -16.14
N ILE B 45 18.32 -10.37 -15.67
CA ILE B 45 17.71 -11.63 -15.98
C ILE B 45 16.77 -11.44 -17.15
N ASP B 46 17.13 -12.03 -18.28
CA ASP B 46 16.38 -11.84 -19.51
C ASP B 46 16.03 -13.24 -20.01
N ARG B 47 14.84 -13.74 -19.67
CA ARG B 47 14.40 -15.07 -20.01
C ARG B 47 13.06 -15.09 -20.67
N ARG B 48 12.81 -16.14 -21.43
CA ARG B 48 11.64 -16.21 -22.27
C ARG B 48 10.79 -17.42 -22.01
N PRO B 49 9.81 -17.30 -21.14
CA PRO B 49 8.94 -18.40 -20.85
C PRO B 49 8.08 -18.78 -22.10
N ALA B 50 7.69 -20.02 -22.16
CA ALA B 50 6.69 -20.50 -23.15
C ALA B 50 5.31 -19.96 -22.83
N LEU B 51 5.03 -19.68 -21.54
CA LEU B 51 3.70 -19.24 -21.15
C LEU B 51 3.81 -18.57 -19.79
N ILE B 52 3.10 -17.46 -19.61
CA ILE B 52 2.85 -16.84 -18.29
C ILE B 52 1.33 -17.03 -17.98
N ALA B 53 1.05 -17.68 -16.86
CA ALA B 53 -0.29 -17.91 -16.44
C ALA B 53 -0.57 -17.04 -15.22
N ARG B 54 -1.34 -15.97 -15.41
CA ARG B 54 -1.71 -15.09 -14.30
C ARG B 54 -2.93 -15.63 -13.57
N CYS B 55 -2.67 -16.30 -12.44
CA CYS B 55 -3.69 -16.96 -11.65
C CYS B 55 -4.48 -15.97 -10.84
N THR B 56 -5.74 -16.32 -10.60
CA THR B 56 -6.69 -15.44 -9.89
C THR B 56 -7.36 -16.11 -8.69
N SER B 57 -6.96 -17.33 -8.39
CA SER B 57 -7.59 -18.06 -7.33
C SER B 57 -6.79 -19.31 -7.02
N THR B 58 -7.16 -19.99 -5.98
CA THR B 58 -6.51 -21.27 -5.70
C THR B 58 -6.77 -22.34 -6.78
N PRO B 59 -8.01 -22.45 -7.27
CA PRO B 59 -8.24 -23.43 -8.33
C PRO B 59 -7.42 -23.13 -9.60
N ASP B 60 -7.17 -21.85 -9.91
CA ASP B 60 -6.27 -21.52 -11.00
C ASP B 60 -4.87 -22.07 -10.78
N VAL B 61 -4.33 -21.94 -9.55
CA VAL B 61 -2.99 -22.35 -9.29
C VAL B 61 -3.00 -23.93 -9.41
N VAL B 62 -4.05 -24.57 -8.92
CA VAL B 62 -4.12 -26.09 -9.05
C VAL B 62 -4.04 -26.46 -10.53
N ALA B 63 -4.84 -25.75 -11.35
CA ALA B 63 -4.91 -26.04 -12.82
C ALA B 63 -3.55 -25.81 -13.46
N ALA B 64 -2.86 -24.72 -13.06
CA ALA B 64 -1.54 -24.41 -13.61
C ALA B 64 -0.48 -25.39 -13.16
N VAL B 65 -0.52 -25.85 -11.90
CA VAL B 65 0.49 -26.81 -11.43
C VAL B 65 0.36 -28.14 -12.22
N SER B 66 -0.87 -28.56 -12.37
CA SER B 66 -1.20 -29.82 -13.00
C SER B 66 -0.88 -29.78 -14.46
N PHE B 67 -1.15 -28.67 -15.10
CA PHE B 67 -0.81 -28.53 -16.50
C PHE B 67 0.69 -28.56 -16.73
N ALA B 68 1.44 -27.90 -15.83
CA ALA B 68 2.89 -27.92 -15.92
C ALA B 68 3.44 -29.34 -15.75
N ARG B 69 2.92 -30.04 -14.75
CA ARG B 69 3.41 -31.37 -14.36
C ARG B 69 3.16 -32.29 -15.53
N LYS B 70 1.94 -32.27 -16.08
CA LYS B 70 1.57 -33.12 -17.24
C LYS B 70 2.32 -32.81 -18.51
N SER B 71 2.63 -31.54 -18.73
CA SER B 71 3.23 -31.11 -19.99
C SER B 71 4.79 -31.09 -19.92
N GLY B 72 5.32 -31.37 -18.74
CA GLY B 72 6.77 -31.28 -18.43
C GLY B 72 7.44 -29.92 -18.59
N LEU B 73 6.68 -28.84 -18.33
CA LEU B 73 7.21 -27.49 -18.42
C LEU B 73 7.88 -27.11 -17.10
N LEU B 74 9.10 -26.61 -17.20
CA LEU B 74 9.84 -26.07 -16.05
C LEU B 74 8.98 -25.00 -15.34
N VAL B 75 8.78 -25.14 -14.04
CA VAL B 75 7.94 -24.21 -13.29
C VAL B 75 8.71 -23.06 -12.57
N ALA B 76 8.39 -21.83 -12.97
CA ALA B 76 8.71 -20.64 -12.18
C ALA B 76 7.46 -20.17 -11.46
N VAL B 77 7.61 -19.78 -10.21
CA VAL B 77 6.51 -19.22 -9.44
C VAL B 77 6.89 -17.78 -9.21
N ARG B 78 5.93 -16.90 -9.40
CA ARG B 78 6.25 -15.47 -9.17
C ARG B 78 5.24 -14.85 -8.22
N GLY B 79 5.75 -14.19 -7.19
CA GLY B 79 4.89 -13.42 -6.32
C GLY B 79 5.05 -11.92 -6.73
N GLY B 80 6.02 -11.28 -6.13
CA GLY B 80 6.28 -9.85 -6.42
C GLY B 80 7.47 -9.63 -7.38
N GLY B 81 8.09 -10.71 -7.83
CA GLY B 81 9.18 -10.61 -8.81
C GLY B 81 10.52 -10.04 -8.28
N HIS B 82 10.69 -9.99 -6.96
CA HIS B 82 11.91 -9.43 -6.36
C HIS B 82 13.16 -10.39 -6.27
N SER B 83 13.07 -11.64 -6.75
CA SER B 83 14.19 -12.60 -6.59
C SER B 83 15.50 -12.00 -7.00
N MET B 84 16.42 -11.89 -6.04
CA MET B 84 17.73 -11.43 -6.41
C MET B 84 18.47 -12.43 -7.31
N ALA B 85 18.01 -13.67 -7.37
CA ALA B 85 18.70 -14.73 -8.14
C ALA B 85 17.99 -14.92 -9.49
N GLY B 86 16.92 -14.15 -9.71
CA GLY B 86 16.13 -14.33 -10.93
C GLY B 86 15.18 -15.52 -11.01
N HIS B 87 14.79 -16.10 -9.87
CA HIS B 87 14.02 -17.33 -9.94
C HIS B 87 12.61 -17.29 -10.48
N SER B 88 11.97 -16.11 -10.53
CA SER B 88 10.57 -15.93 -10.90
C SER B 88 10.35 -15.78 -12.38
N VAL B 89 11.36 -16.12 -13.18
CA VAL B 89 11.16 -16.23 -14.67
C VAL B 89 12.03 -17.36 -15.19
N CYS B 90 11.56 -18.07 -16.21
CA CYS B 90 12.27 -19.24 -16.77
C CYS B 90 12.29 -19.12 -18.30
N ASP B 91 13.31 -19.72 -18.91
CA ASP B 91 13.35 -19.96 -20.34
C ASP B 91 12.61 -21.22 -20.67
N GLY B 92 11.59 -21.08 -21.53
CA GLY B 92 10.89 -22.19 -22.13
C GLY B 92 9.91 -22.93 -21.29
N GLY B 93 9.70 -22.48 -20.06
CA GLY B 93 8.73 -23.14 -19.19
C GLY B 93 7.47 -22.28 -18.95
N ILE B 94 6.88 -22.46 -17.77
CA ILE B 94 5.68 -21.78 -17.40
C ILE B 94 6.01 -20.91 -16.16
N VAL B 95 5.57 -19.67 -16.21
CA VAL B 95 5.53 -18.83 -15.01
C VAL B 95 4.11 -18.87 -14.39
N ILE B 96 4.01 -19.40 -13.16
CA ILE B 96 2.76 -19.40 -12.41
C ILE B 96 2.85 -18.07 -11.64
N ASP B 97 2.24 -17.07 -12.24
CA ASP B 97 2.35 -15.67 -11.82
C ASP B 97 1.11 -15.36 -10.91
N LEU B 98 1.43 -15.04 -9.67
CA LEU B 98 0.43 -14.88 -8.61
C LEU B 98 0.13 -13.42 -8.39
N SER B 99 0.70 -12.52 -9.17
CA SER B 99 0.60 -11.08 -8.85
C SER B 99 -0.84 -10.49 -8.83
N LEU B 100 -1.82 -11.10 -9.52
CA LEU B 100 -3.21 -10.69 -9.38
C LEU B 100 -3.94 -11.21 -8.14
N MET B 101 -3.29 -12.11 -7.38
CA MET B 101 -3.87 -12.67 -6.14
C MET B 101 -3.30 -11.87 -4.96
N ASN B 102 -3.95 -10.72 -4.76
CA ASN B 102 -3.52 -9.60 -3.92
C ASN B 102 -4.55 -9.34 -2.79
N SER B 103 -5.51 -10.23 -2.54
CA SER B 103 -6.52 -10.00 -1.51
C SER B 103 -5.99 -10.18 -0.06
N ILE B 104 -6.50 -9.38 0.86
CA ILE B 104 -6.13 -9.46 2.27
C ILE B 104 -7.42 -9.32 3.06
N LYS B 105 -7.72 -10.27 3.94
CA LYS B 105 -8.83 -10.13 4.90
C LYS B 105 -8.15 -9.86 6.23
N VAL B 106 -8.67 -8.90 6.95
CA VAL B 106 -8.20 -8.59 8.27
C VAL B 106 -9.32 -8.64 9.28
N SER B 107 -9.13 -9.40 10.36
CA SER B 107 -10.03 -9.38 11.48
C SER B 107 -9.44 -8.55 12.60
N ARG B 108 -10.09 -7.47 12.95
CA ARG B 108 -9.62 -6.61 14.05
C ARG B 108 -9.79 -7.32 15.40
N ARG B 109 -10.85 -8.11 15.53
CA ARG B 109 -11.21 -8.79 16.76
C ARG B 109 -10.26 -9.93 17.09
N LEU B 110 -9.85 -10.65 16.08
CA LEU B 110 -8.90 -11.72 16.22
C LEU B 110 -7.46 -11.29 16.07
N ARG B 111 -7.20 -10.06 15.65
CA ARG B 111 -5.87 -9.60 15.26
C ARG B 111 -5.21 -10.56 14.33
N ARG B 112 -5.89 -10.77 13.22
CA ARG B 112 -5.44 -11.80 12.24
C ARG B 112 -5.64 -11.29 10.83
N ALA B 113 -4.71 -11.62 9.92
CA ALA B 113 -4.81 -11.35 8.50
C ALA B 113 -4.64 -12.61 7.68
N ARG B 114 -5.43 -12.78 6.59
CA ARG B 114 -5.19 -13.86 5.62
C ARG B 114 -4.92 -13.22 4.29
N ALA B 115 -3.71 -13.41 3.79
CA ALA B 115 -3.23 -12.71 2.62
C ALA B 115 -2.94 -13.69 1.55
N GLN B 116 -3.30 -13.35 0.32
CA GLN B 116 -3.03 -14.23 -0.79
C GLN B 116 -1.55 -14.20 -1.11
N GLY B 117 -1.12 -15.19 -1.88
CA GLY B 117 0.30 -15.37 -2.04
C GLY B 117 0.98 -14.46 -3.08
N GLY B 118 0.22 -13.66 -3.81
CA GLY B 118 0.70 -12.68 -4.71
C GLY B 118 0.76 -11.23 -4.18
N CYS B 119 0.49 -11.04 -2.88
CA CYS B 119 0.35 -9.66 -2.30
C CYS B 119 1.69 -8.98 -2.40
N LEU B 120 1.69 -7.63 -2.64
CA LEU B 120 2.81 -6.83 -2.29
C LEU B 120 2.74 -6.37 -0.83
N LEU B 121 3.91 -6.08 -0.28
CA LEU B 121 3.94 -5.73 1.12
C LEU B 121 3.03 -4.50 1.38
N GLY B 122 3.12 -3.50 0.53
CA GLY B 122 2.34 -2.28 0.71
C GLY B 122 0.81 -2.44 0.72
N ALA B 123 0.34 -3.42 -0.08
CA ALA B 123 -1.05 -3.79 -0.03
C ALA B 123 -1.40 -4.34 1.34
N PHE B 124 -0.54 -5.23 1.85
CA PHE B 124 -0.71 -5.88 3.17
C PHE B 124 -0.72 -4.85 4.24
N ASP B 125 0.29 -3.96 4.26
CA ASP B 125 0.43 -2.96 5.30
C ASP B 125 -0.71 -1.96 5.26
N THR B 126 -1.19 -1.63 4.06
CA THR B 126 -2.34 -0.74 3.95
C THR B 126 -3.57 -1.38 4.66
N ALA B 127 -3.79 -2.67 4.35
CA ALA B 127 -4.94 -3.32 4.85
C ALA B 127 -4.90 -3.47 6.39
N THR B 128 -3.74 -3.81 6.96
CA THR B 128 -3.69 -4.05 8.41
C THR B 128 -3.72 -2.70 9.15
N GLN B 129 -3.08 -1.70 8.54
CA GLN B 129 -3.04 -0.39 9.16
C GLN B 129 -4.38 0.35 9.20
N ALA B 130 -5.36 -0.08 8.37
CA ALA B 130 -6.71 0.39 8.49
C ALA B 130 -7.22 0.17 9.93
N HIS B 131 -6.66 -0.81 10.63
CA HIS B 131 -7.00 -1.08 12.02
C HIS B 131 -5.92 -0.81 13.02
N MET B 132 -4.91 -0.07 12.57
CA MET B 132 -3.72 0.21 13.33
C MET B 132 -2.94 -1.07 13.68
N LEU B 133 -3.07 -2.09 12.82
CA LEU B 133 -2.39 -3.33 13.06
C LEU B 133 -1.25 -3.51 12.06
N ALA B 134 -0.38 -4.43 12.38
CA ALA B 134 0.77 -4.81 11.54
C ALA B 134 1.43 -6.10 11.94
N THR B 135 2.21 -6.65 11.03
CA THR B 135 3.13 -7.68 11.36
C THR B 135 4.41 -7.46 10.53
N PRO B 136 5.50 -8.07 10.97
CA PRO B 136 6.82 -7.86 10.33
C PRO B 136 6.87 -8.32 8.94
N ALA B 137 7.49 -7.46 8.14
CA ALA B 137 7.82 -7.74 6.78
C ALA B 137 9.01 -6.85 6.33
N GLY B 138 9.31 -6.92 5.06
CA GLY B 138 10.43 -6.16 4.51
C GLY B 138 10.18 -4.63 4.40
N VAL B 139 11.27 -3.90 4.11
CA VAL B 139 11.27 -2.45 4.15
C VAL B 139 10.88 -1.75 2.82
N VAL B 140 10.80 -2.45 1.71
CA VAL B 140 10.45 -1.85 0.46
C VAL B 140 9.09 -2.35 0.01
N SER B 141 8.13 -1.42 -0.08
CA SER B 141 6.71 -1.70 -0.22
C SER B 141 6.33 -2.63 -1.38
N HIS B 142 7.00 -2.49 -2.53
CA HIS B 142 6.67 -3.33 -3.69
C HIS B 142 7.35 -4.71 -3.77
N THR B 143 8.03 -5.12 -2.72
CA THR B 143 8.47 -6.49 -2.57
C THR B 143 7.23 -7.42 -2.48
N GLY B 144 7.35 -8.63 -2.99
CA GLY B 144 6.32 -9.61 -2.76
C GLY B 144 6.34 -10.24 -1.35
N LEU B 145 5.17 -10.40 -0.78
CA LEU B 145 4.99 -11.13 0.45
C LEU B 145 5.41 -12.54 0.34
N GLY B 146 5.13 -13.10 -0.81
CA GLY B 146 5.27 -14.52 -0.97
C GLY B 146 6.70 -15.04 -0.79
N GLY B 147 7.61 -14.57 -1.63
CA GLY B 147 8.94 -15.06 -1.55
C GLY B 147 9.60 -14.56 -0.25
N LEU B 148 9.23 -13.37 0.20
CA LEU B 148 9.86 -12.81 1.39
C LEU B 148 9.52 -13.64 2.57
N VAL B 149 8.24 -13.98 2.73
CA VAL B 149 7.87 -14.78 3.90
C VAL B 149 8.46 -16.19 3.85
N LEU B 150 8.47 -16.84 2.68
CA LEU B 150 8.93 -18.23 2.57
C LEU B 150 10.40 -18.37 2.93
N GLY B 151 11.14 -17.27 2.89
CA GLY B 151 12.54 -17.32 3.22
C GLY B 151 12.79 -16.82 4.64
N GLY B 152 11.78 -16.26 5.28
CA GLY B 152 11.88 -15.75 6.64
C GLY B 152 11.19 -14.45 6.84
N GLY B 153 11.79 -13.40 6.28
CA GLY B 153 11.26 -12.08 6.22
C GLY B 153 11.64 -11.22 7.41
N PHE B 154 12.45 -10.23 7.16
CA PHE B 154 12.80 -9.31 8.25
C PHE B 154 12.65 -7.84 7.85
N GLY B 155 12.41 -7.01 8.84
CA GLY B 155 12.37 -5.56 8.64
C GLY B 155 12.20 -4.82 9.91
N TRP B 156 11.57 -3.63 9.83
CA TRP B 156 11.56 -2.70 10.93
C TRP B 156 10.96 -3.30 12.17
N LEU B 157 9.89 -4.12 12.04
CA LEU B 157 9.26 -4.70 13.22
C LEU B 157 9.94 -5.92 13.80
N SER B 158 11.01 -6.36 13.21
CA SER B 158 11.54 -7.72 13.54
C SER B 158 12.24 -7.87 14.89
N ARG B 159 13.01 -6.86 15.33
CA ARG B 159 13.58 -6.88 16.65
C ARG B 159 12.50 -6.99 17.73
N LYS B 160 11.35 -6.37 17.52
CA LYS B 160 10.30 -6.43 18.49
C LYS B 160 9.43 -7.67 18.36
N TYR B 161 9.08 -8.02 17.15
CA TYR B 161 8.08 -9.05 16.87
C TYR B 161 8.50 -10.25 16.09
N GLY B 162 9.76 -10.36 15.77
CA GLY B 162 10.28 -11.54 15.04
C GLY B 162 10.24 -11.39 13.51
N LEU B 163 10.57 -12.48 12.88
CA LEU B 163 10.48 -12.58 11.42
C LEU B 163 9.02 -12.68 11.01
N SER B 164 8.75 -12.46 9.74
CA SER B 164 7.39 -12.70 9.24
C SER B 164 6.92 -14.10 9.62
N ILE B 165 7.82 -15.06 9.46
CA ILE B 165 7.50 -16.47 9.75
C ILE B 165 7.17 -16.72 11.21
N ASP B 166 7.64 -15.86 12.11
CA ASP B 166 7.43 -16.02 13.55
C ASP B 166 6.03 -15.54 13.88
N ASN B 167 5.26 -15.03 12.91
CA ASN B 167 3.91 -14.55 13.10
C ASN B 167 2.94 -15.29 12.19
N LEU B 168 3.49 -16.25 11.47
CA LEU B 168 2.68 -17.04 10.51
C LEU B 168 2.01 -18.20 11.24
N THR B 169 0.67 -18.30 11.15
CA THR B 169 -0.05 -19.34 11.88
C THR B 169 -0.50 -20.51 10.95
N SER B 170 -0.67 -20.29 9.66
CA SER B 170 -1.01 -21.36 8.72
C SER B 170 -0.78 -20.88 7.28
N VAL B 171 -0.73 -21.82 6.36
CA VAL B 171 -0.83 -21.54 4.96
C VAL B 171 -1.80 -22.51 4.31
N GLU B 172 -2.30 -22.09 3.16
CA GLU B 172 -2.87 -22.94 2.16
C GLU B 172 -1.83 -23.09 1.06
N ILE B 173 -1.48 -24.32 0.73
CA ILE B 173 -0.46 -24.58 -0.25
C ILE B 173 -0.91 -25.60 -1.31
N VAL B 174 -0.55 -25.33 -2.55
CA VAL B 174 -0.79 -26.25 -3.65
C VAL B 174 0.50 -27.04 -3.93
N THR B 175 0.42 -28.36 -3.73
CA THR B 175 1.59 -29.19 -3.93
C THR B 175 1.75 -29.67 -5.36
N ALA B 176 2.89 -30.30 -5.63
CA ALA B 176 3.30 -30.69 -7.00
C ALA B 176 2.32 -31.65 -7.69
N ASP B 177 1.62 -32.41 -6.87
CA ASP B 177 0.64 -33.38 -7.33
C ASP B 177 -0.74 -32.71 -7.52
N GLY B 178 -0.83 -31.43 -7.24
CA GLY B 178 -2.05 -30.66 -7.52
C GLY B 178 -3.00 -30.58 -6.38
N GLY B 179 -2.66 -31.23 -5.27
CA GLY B 179 -3.46 -31.26 -4.07
C GLY B 179 -3.33 -29.89 -3.37
N VAL B 180 -4.34 -29.55 -2.58
CA VAL B 180 -4.39 -28.32 -1.80
C VAL B 180 -4.32 -28.77 -0.37
N LEU B 181 -3.34 -28.28 0.37
CA LEU B 181 -3.23 -28.62 1.73
C LEU B 181 -3.28 -27.37 2.60
N THR B 182 -3.61 -27.61 3.87
CA THR B 182 -3.40 -26.63 4.90
C THR B 182 -2.22 -27.08 5.74
N ALA B 183 -1.27 -26.20 6.06
CA ALA B 183 -0.23 -26.50 7.01
C ALA B 183 -0.26 -25.48 8.15
N SER B 184 -0.11 -25.96 9.38
CA SER B 184 -0.06 -25.25 10.61
C SER B 184 0.63 -26.13 11.65
N ASP B 185 0.65 -25.66 12.90
CA ASP B 185 1.18 -26.43 14.03
C ASP B 185 0.46 -27.79 14.21
N THR B 186 -0.77 -27.90 13.76
CA THR B 186 -1.61 -29.03 14.06
C THR B 186 -2.07 -29.78 12.82
N GLU B 187 -1.62 -29.33 11.66
CA GLU B 187 -1.97 -29.97 10.45
C GLU B 187 -0.77 -29.97 9.53
N ASN B 188 -0.34 -31.18 9.12
CA ASN B 188 0.89 -31.31 8.33
C ASN B 188 2.01 -30.44 8.92
N PRO B 189 2.32 -30.65 10.20
CA PRO B 189 3.32 -29.75 10.81
C PRO B 189 4.73 -29.85 10.25
N ASP B 190 5.09 -31.00 9.66
CA ASP B 190 6.37 -31.12 8.98
C ASP B 190 6.49 -30.13 7.79
N LEU B 191 5.40 -29.98 7.07
CA LEU B 191 5.37 -29.06 5.96
C LEU B 191 5.37 -27.64 6.50
N PHE B 192 4.66 -27.43 7.60
CA PHE B 192 4.55 -26.09 8.22
C PHE B 192 5.94 -25.63 8.68
N TRP B 193 6.77 -26.55 9.15
CA TRP B 193 8.14 -26.22 9.55
C TRP B 193 8.97 -25.78 8.34
N ALA B 194 8.81 -26.53 7.26
CA ALA B 194 9.65 -26.35 6.09
C ALA B 194 9.31 -25.04 5.32
N VAL B 195 8.05 -24.64 5.28
CA VAL B 195 7.70 -23.45 4.53
C VAL B 195 8.15 -22.20 5.27
N ARG B 196 8.40 -22.34 6.58
CA ARG B 196 8.84 -21.21 7.37
C ARG B 196 10.38 -21.16 7.18
N GLY B 197 10.82 -20.74 6.01
CA GLY B 197 12.25 -20.62 5.71
C GLY B 197 12.78 -21.39 4.52
N GLY B 198 11.96 -22.30 4.07
CA GLY B 198 12.36 -23.27 3.00
C GLY B 198 12.04 -22.83 1.60
N GLY B 199 11.65 -21.54 1.42
CA GLY B 199 11.32 -20.98 0.09
C GLY B 199 10.11 -21.69 -0.59
N GLY B 200 10.05 -21.58 -1.89
CA GLY B 200 8.98 -22.18 -2.65
C GLY B 200 9.19 -23.67 -2.98
N ASN B 201 10.11 -24.30 -2.29
CA ASN B 201 10.46 -25.71 -2.57
C ASN B 201 9.37 -26.76 -2.45
N PHE B 202 8.33 -26.41 -1.70
CA PHE B 202 7.35 -27.34 -1.30
C PHE B 202 5.99 -27.15 -1.88
N GLY B 203 5.82 -26.14 -2.70
CA GLY B 203 4.50 -25.92 -3.22
C GLY B 203 4.27 -24.45 -3.39
N VAL B 204 3.15 -24.15 -4.00
CA VAL B 204 2.76 -22.79 -4.25
C VAL B 204 1.85 -22.35 -3.10
N VAL B 205 2.31 -21.38 -2.29
CA VAL B 205 1.43 -20.88 -1.20
C VAL B 205 0.42 -19.84 -1.71
N THR B 206 -0.87 -20.19 -1.59
CA THR B 206 -1.92 -19.36 -2.08
C THR B 206 -2.54 -18.46 -1.04
N ALA B 207 -2.36 -18.79 0.22
CA ALA B 207 -2.79 -17.96 1.33
C ALA B 207 -1.86 -18.12 2.51
N PHE B 208 -1.56 -16.98 3.15
CA PHE B 208 -0.79 -16.94 4.40
C PHE B 208 -1.68 -16.34 5.50
N GLU B 209 -1.69 -16.98 6.66
CA GLU B 209 -2.39 -16.40 7.83
C GLU B 209 -1.44 -15.95 8.90
N PHE B 210 -1.59 -14.69 9.34
CA PHE B 210 -0.71 -14.03 10.32
C PHE B 210 -1.47 -13.53 11.56
N ASP B 211 -0.83 -13.62 12.71
CA ASP B 211 -1.15 -12.87 13.89
C ASP B 211 -0.63 -11.51 13.66
N LEU B 212 -1.36 -10.53 14.18
CA LEU B 212 -1.03 -9.13 14.05
C LEU B 212 -0.85 -8.45 15.40
N HIS B 213 -0.19 -7.31 15.38
CA HIS B 213 0.13 -6.46 16.53
C HIS B 213 -0.31 -5.02 16.32
N ARG B 214 -0.74 -4.38 17.41
CA ARG B 214 -1.12 -2.95 17.35
C ARG B 214 0.19 -2.20 17.22
N VAL B 215 0.34 -1.47 16.12
CA VAL B 215 1.53 -0.61 15.91
C VAL B 215 1.08 0.78 15.51
N GLY B 216 1.20 1.70 16.49
CA GLY B 216 0.83 3.14 16.33
C GLY B 216 2.01 3.95 15.75
N PRO B 217 1.95 5.29 15.85
CA PRO B 217 2.98 6.13 15.27
C PRO B 217 4.37 5.84 15.84
N VAL B 218 5.34 5.96 14.95
CA VAL B 218 6.74 5.51 15.15
C VAL B 218 7.59 6.80 14.96
N ARG B 219 8.46 7.11 15.93
CA ARG B 219 9.49 8.05 15.74
C ARG B 219 10.58 7.46 14.87
N PHE B 220 10.95 8.20 13.83
CA PHE B 220 11.94 7.76 12.84
C PHE B 220 12.96 8.90 12.67
N ALA B 221 14.19 8.51 12.37
CA ALA B 221 15.23 9.46 11.99
C ALA B 221 16.13 8.89 10.91
N SER B 222 16.52 9.75 9.99
CA SER B 222 17.58 9.38 9.04
C SER B 222 18.58 10.52 8.98
N THR B 223 19.88 10.17 8.86
CA THR B 223 20.91 11.14 8.84
C THR B 223 22.12 10.53 8.09
N TYR B 224 23.07 11.35 7.75
CA TYR B 224 24.21 10.94 7.01
C TYR B 224 25.48 11.38 7.74
N TYR B 225 26.47 10.50 7.75
CA TYR B 225 27.74 10.80 8.33
C TYR B 225 28.80 10.71 7.25
N SER B 226 29.77 11.59 7.35
CA SER B 226 30.96 11.51 6.55
C SER B 226 31.73 10.19 6.73
N LEU B 227 32.25 9.58 5.66
CA LEU B 227 33.17 8.44 5.86
C LEU B 227 34.45 8.76 6.64
N ASP B 228 34.81 10.01 6.78
CA ASP B 228 35.96 10.34 7.63
C ASP B 228 35.65 9.91 9.06
N GLU B 229 34.39 9.79 9.42
CA GLU B 229 34.08 9.39 10.78
C GLU B 229 33.58 7.96 10.81
N GLY B 230 33.84 7.20 9.72
CA GLY B 230 33.36 5.81 9.55
C GLY B 230 33.65 4.89 10.70
N PRO B 231 34.93 4.77 11.11
CA PRO B 231 35.23 3.85 12.16
C PRO B 231 34.47 4.15 13.48
N GLN B 232 34.44 5.41 13.87
CA GLN B 232 33.71 5.78 15.12
C GLN B 232 32.19 5.49 15.07
N VAL B 233 31.58 5.77 13.93
CA VAL B 233 30.15 5.64 13.78
C VAL B 233 29.79 4.14 13.77
N ILE B 234 30.53 3.36 13.00
CA ILE B 234 30.26 1.88 12.94
C ILE B 234 30.55 1.21 14.28
N ARG B 235 31.64 1.57 14.93
CA ARG B 235 31.91 1.01 16.23
C ARG B 235 30.84 1.39 17.25
N ALA B 236 30.33 2.63 17.18
CA ALA B 236 29.28 3.09 18.07
C ALA B 236 27.99 2.29 17.88
N TRP B 237 27.66 2.09 16.63
CA TRP B 237 26.50 1.30 16.23
C TRP B 237 26.58 -0.14 16.72
N ARG B 238 27.69 -0.78 16.45
CA ARG B 238 27.88 -2.18 16.88
C ARG B 238 27.80 -2.31 18.37
N ASP B 239 28.46 -1.39 19.09
CA ASP B 239 28.48 -1.44 20.55
C ASP B 239 27.11 -1.16 21.14
N HIS B 240 26.44 -0.12 20.61
CA HIS B 240 25.10 0.22 21.06
C HIS B 240 24.09 -0.91 20.87
N MET B 241 24.12 -1.55 19.68
CA MET B 241 23.12 -2.56 19.36
C MET B 241 23.22 -3.81 20.25
N ALA B 242 24.43 -4.07 20.74
CA ALA B 242 24.69 -5.22 21.61
C ALA B 242 23.81 -5.17 22.87
N THR B 243 23.43 -3.98 23.34
CA THR B 243 22.66 -3.86 24.57
C THR B 243 21.37 -3.05 24.43
N ALA B 244 20.96 -2.82 23.20
CA ALA B 244 19.85 -1.93 22.93
C ALA B 244 18.51 -2.60 23.22
N PRO B 245 17.53 -1.78 23.67
CA PRO B 245 16.14 -2.30 23.71
C PRO B 245 15.71 -2.86 22.35
N ASP B 246 14.84 -3.84 22.40
CA ASP B 246 14.26 -4.47 21.19
C ASP B 246 13.50 -3.44 20.37
N GLU B 247 13.00 -2.43 21.04
CA GLU B 247 12.26 -1.35 20.40
C GLU B 247 13.06 -0.50 19.41
N LEU B 248 14.38 -0.42 19.59
CA LEU B 248 15.22 0.35 18.71
C LEU B 248 15.64 -0.56 17.53
N THR B 249 15.41 -0.06 16.31
CA THR B 249 16.06 -0.57 15.12
C THR B 249 16.90 0.50 14.47
N TRP B 250 18.14 0.12 14.08
CA TRP B 250 19.10 1.07 13.56
C TRP B 250 19.96 0.38 12.52
N ALA B 251 19.86 0.83 11.27
CA ALA B 251 20.55 0.25 10.12
C ALA B 251 21.45 1.28 9.48
N LEU B 252 22.60 0.81 8.93
CA LEU B 252 23.56 1.67 8.27
C LEU B 252 23.65 1.26 6.79
N TYR B 253 23.59 2.25 5.90
CA TYR B 253 23.70 2.02 4.45
C TYR B 253 24.85 2.90 3.97
N LEU B 254 25.92 2.26 3.56
CA LEU B 254 27.06 2.94 2.99
C LEU B 254 26.84 3.13 1.52
N ARG B 255 26.92 4.37 1.05
CA ARG B 255 26.37 4.70 -0.30
C ARG B 255 26.90 6.06 -0.70
N LEU B 256 26.76 6.42 -1.97
CA LEU B 256 27.05 7.83 -2.33
C LEU B 256 25.87 8.69 -1.82
N ALA B 257 26.16 9.86 -1.30
CA ALA B 257 25.10 10.74 -0.75
C ALA B 257 24.13 11.17 -1.85
N PRO B 258 22.81 11.01 -1.65
CA PRO B 258 21.83 11.33 -2.68
C PRO B 258 21.73 12.84 -2.78
N PRO B 259 21.42 13.34 -3.98
CA PRO B 259 21.35 14.74 -4.22
C PRO B 259 20.04 15.34 -3.63
N LEU B 260 19.93 15.34 -2.29
CA LEU B 260 18.73 15.78 -1.60
C LEU B 260 18.94 17.16 -0.95
N PRO B 261 17.85 17.92 -0.82
CA PRO B 261 18.04 19.32 -0.35
C PRO B 261 18.47 19.42 1.09
N GLU B 262 18.22 18.37 1.85
CA GLU B 262 18.57 18.33 3.25
C GLU B 262 20.10 18.13 3.44
N LEU B 263 20.75 17.63 2.39
CA LEU B 263 22.24 17.52 2.44
C LEU B 263 22.95 18.67 1.74
N PRO B 264 24.11 19.10 2.26
CA PRO B 264 24.89 20.12 1.53
C PRO B 264 25.31 19.63 0.18
N ALA B 265 25.34 20.50 -0.83
CA ALA B 265 25.72 20.05 -2.18
C ALA B 265 27.17 19.56 -2.18
N ASP B 266 27.97 20.07 -1.23
CA ASP B 266 29.34 19.60 -0.92
C ASP B 266 29.44 18.05 -0.86
N MET B 267 28.43 17.42 -0.29
CA MET B 267 28.45 16.00 -0.02
C MET B 267 27.84 15.15 -1.13
N HIS B 268 27.10 15.75 -2.06
CA HIS B 268 26.34 14.97 -3.03
C HIS B 268 27.25 14.10 -3.88
N GLY B 269 26.89 12.84 -4.01
CA GLY B 269 27.67 11.94 -4.84
C GLY B 269 28.98 11.47 -4.22
N LYS B 270 29.20 11.72 -2.95
CA LYS B 270 30.36 11.17 -2.28
C LYS B 270 29.94 10.05 -1.31
N PRO B 271 30.85 9.14 -1.01
CA PRO B 271 30.42 7.99 -0.17
C PRO B 271 30.21 8.50 1.25
N VAL B 272 29.15 8.03 1.87
CA VAL B 272 28.77 8.46 3.25
C VAL B 272 28.18 7.29 3.97
N ILE B 273 27.91 7.43 5.27
CA ILE B 273 27.06 6.49 5.95
C ILE B 273 25.67 7.12 6.07
N CYS B 274 24.64 6.45 5.52
CA CYS B 274 23.24 6.82 5.74
C CYS B 274 22.75 5.98 6.91
N ALA B 275 22.34 6.57 8.04
CA ALA B 275 21.87 5.81 9.19
C ALA B 275 20.34 6.01 9.31
N MET B 276 19.60 4.92 9.28
CA MET B 276 18.17 4.95 9.44
C MET B 276 17.78 4.28 10.78
N SER B 277 16.92 4.92 11.57
CA SER B 277 16.60 4.41 12.89
C SER B 277 15.14 4.65 13.20
N CYS B 278 14.56 3.76 13.97
CA CYS B 278 13.20 3.95 14.45
C CYS B 278 13.03 3.34 15.83
N TRP B 279 12.00 3.83 16.50
CA TRP B 279 11.61 3.29 17.82
C TRP B 279 10.19 2.69 17.65
N ILE B 280 10.10 1.39 17.76
CA ILE B 280 8.81 0.71 17.77
C ILE B 280 8.22 0.74 19.18
N GLY B 281 7.46 1.79 19.45
CA GLY B 281 6.91 2.06 20.77
C GLY B 281 6.52 3.51 20.87
N ASP B 282 6.44 3.98 22.09
CA ASP B 282 5.96 5.33 22.40
C ASP B 282 6.83 6.38 21.74
N PRO B 283 6.26 7.31 21.00
CA PRO B 283 7.11 8.30 20.29
C PRO B 283 7.86 9.26 21.11
N HIS B 284 7.40 9.57 22.35
CA HIS B 284 8.18 10.42 23.23
C HIS B 284 9.42 9.69 23.73
N GLU B 285 9.25 8.44 24.09
CA GLU B 285 10.41 7.61 24.35
C GLU B 285 11.27 7.48 23.11
N GLY B 286 10.63 7.25 21.97
CA GLY B 286 11.43 7.19 20.76
C GLY B 286 12.30 8.45 20.54
N GLU B 287 11.76 9.64 20.73
CA GLU B 287 12.53 10.88 20.50
C GLU B 287 13.78 10.89 21.39
N ARG B 288 13.62 10.46 22.62
CA ARG B 288 14.78 10.38 23.53
C ARG B 288 15.79 9.36 23.10
N GLN B 289 15.32 8.17 22.73
CA GLN B 289 16.21 7.14 22.27
C GLN B 289 16.98 7.51 21.00
N LEU B 290 16.29 7.99 20.00
CA LEU B 290 16.94 8.45 18.77
C LEU B 290 17.91 9.60 18.96
N GLU B 291 17.55 10.57 19.76
CA GLU B 291 18.50 11.67 20.06
C GLU B 291 19.79 11.15 20.68
N SER B 292 19.68 10.10 21.46
CA SER B 292 20.85 9.56 22.10
C SER B 292 21.80 8.84 21.12
N ILE B 293 21.35 8.44 19.93
CA ILE B 293 22.21 7.71 18.99
C ILE B 293 22.60 8.53 17.80
N LEU B 294 22.10 9.76 17.68
CA LEU B 294 22.26 10.50 16.44
C LEU B 294 23.64 11.14 16.34
N HIS B 295 24.30 11.31 17.47
CA HIS B 295 25.59 11.98 17.46
C HIS B 295 26.74 11.03 17.50
N ALA B 296 26.55 9.84 16.92
CA ALA B 296 27.57 8.83 16.77
C ALA B 296 28.74 9.43 15.98
N GLY B 297 28.39 10.26 14.99
CA GLY B 297 29.31 11.19 14.33
C GLY B 297 28.56 12.51 14.23
N LYS B 298 29.10 13.45 13.48
CA LYS B 298 28.45 14.72 13.20
C LYS B 298 27.32 14.52 12.16
N PRO B 299 26.07 14.76 12.54
CA PRO B 299 24.98 14.41 11.65
C PRO B 299 24.77 15.43 10.54
N HIS B 300 24.50 14.95 9.34
CA HIS B 300 24.15 15.86 8.23
C HIS B 300 22.85 15.39 7.65
N GLY B 301 22.07 16.35 7.16
CA GLY B 301 20.80 16.03 6.51
C GLY B 301 19.86 15.24 7.40
N LEU B 302 19.86 15.58 8.68
CA LEU B 302 18.99 14.88 9.64
C LEU B 302 17.50 15.12 9.27
N THR B 303 16.71 14.04 9.17
CA THR B 303 15.24 14.19 9.08
C THR B 303 14.71 13.43 10.28
N LYS B 304 13.83 14.02 11.08
CA LYS B 304 13.17 13.28 12.11
C LYS B 304 11.67 13.44 11.86
N ALA B 305 10.89 12.39 12.09
CA ALA B 305 9.48 12.51 11.87
C ALA B 305 8.73 11.47 12.74
N THR B 306 7.45 11.70 13.02
CA THR B 306 6.62 10.71 13.71
C THR B 306 5.65 10.22 12.62
N LEU B 307 5.75 8.92 12.23
CA LEU B 307 5.12 8.40 10.99
C LEU B 307 4.17 7.30 11.41
N PRO B 308 2.97 7.21 10.79
CA PRO B 308 2.31 5.90 10.89
C PRO B 308 3.22 4.83 10.41
N TYR B 309 3.08 3.61 10.95
CA TYR B 309 3.88 2.50 10.47
C TYR B 309 3.76 2.31 8.95
N ARG B 310 2.59 2.53 8.39
CA ARG B 310 2.44 2.37 6.93
C ARG B 310 3.41 3.30 6.16
N ALA B 311 3.60 4.50 6.65
CA ALA B 311 4.53 5.44 6.05
C ALA B 311 5.98 5.09 6.29
N LEU B 312 6.35 4.55 7.44
CA LEU B 312 7.67 4.01 7.65
C LEU B 312 7.95 2.95 6.62
N GLN B 313 6.98 2.05 6.43
CA GLN B 313 7.18 0.99 5.46
C GLN B 313 7.34 1.50 4.04
N ALA B 314 6.67 2.59 3.72
CA ALA B 314 6.75 3.21 2.37
C ALA B 314 7.97 4.07 2.10
N TYR B 315 8.72 4.40 3.16
CA TYR B 315 9.79 5.43 3.11
C TYR B 315 11.01 4.91 2.33
N SER B 316 11.37 3.66 2.49
CA SER B 316 12.60 3.22 1.86
C SER B 316 12.42 3.02 0.35
N PHE B 317 13.29 3.58 -0.50
CA PHE B 317 14.25 4.68 -0.23
C PHE B 317 13.80 5.83 -1.20
N PRO B 318 13.93 7.13 -0.85
CA PRO B 318 13.54 8.22 -1.76
C PRO B 318 14.60 8.45 -2.84
N GLY B 319 14.40 7.90 -4.02
CA GLY B 319 15.23 8.29 -5.10
C GLY B 319 14.41 8.55 -6.32
N ALA B 320 15.10 9.09 -7.32
CA ALA B 320 14.47 9.62 -8.55
C ALA B 320 14.31 8.57 -9.60
N VAL B 321 15.13 7.51 -9.53
CA VAL B 321 15.22 6.49 -10.57
C VAL B 321 15.18 5.06 -10.01
N VAL B 322 14.45 4.16 -10.67
CA VAL B 322 14.39 2.77 -10.26
C VAL B 322 15.56 2.03 -10.92
N PRO B 323 16.45 1.37 -10.14
CA PRO B 323 17.61 0.74 -10.79
C PRO B 323 17.17 -0.43 -11.63
N ASP B 324 17.73 -0.61 -12.82
CA ASP B 324 17.39 -1.74 -13.69
C ASP B 324 18.14 -3.06 -13.43
N ARG B 325 19.40 -2.98 -13.01
CA ARG B 325 20.27 -4.16 -12.98
C ARG B 325 20.79 -4.23 -11.58
N ILE B 326 20.86 -5.40 -11.02
CA ILE B 326 21.35 -5.49 -9.66
C ILE B 326 22.17 -6.76 -9.48
N TYR B 327 23.03 -6.75 -8.46
CA TYR B 327 23.82 -7.92 -8.07
C TYR B 327 24.18 -7.85 -6.61
N THR B 328 23.93 -8.92 -5.89
CA THR B 328 24.11 -8.89 -4.44
C THR B 328 24.99 -10.00 -3.90
N LYS B 329 25.78 -9.67 -2.87
CA LYS B 329 26.56 -10.65 -2.15
C LYS B 329 26.35 -10.33 -0.69
N SER B 330 25.91 -11.35 0.04
CA SER B 330 25.44 -11.12 1.43
C SER B 330 25.89 -12.26 2.32
N GLY B 331 26.11 -11.98 3.60
CA GLY B 331 26.21 -13.04 4.61
C GLY B 331 25.98 -12.45 5.98
N TYR B 332 25.90 -13.33 6.95
CA TYR B 332 25.77 -12.99 8.36
C TYR B 332 27.11 -12.92 9.01
N LEU B 333 27.18 -12.17 10.09
CA LEU B 333 28.34 -12.16 11.00
C LEU B 333 27.86 -12.32 12.47
N ASN B 334 28.63 -13.09 13.23
CA ASN B 334 28.39 -13.29 14.65
C ASN B 334 29.01 -12.14 15.46
N GLU B 335 30.07 -11.53 14.97
CA GLU B 335 30.68 -10.36 15.55
C GLU B 335 31.22 -9.49 14.45
N LEU B 336 31.27 -8.18 14.71
CA LEU B 336 31.82 -7.22 13.72
C LEU B 336 33.05 -6.61 14.38
N SER B 337 34.21 -7.13 14.04
CA SER B 337 35.46 -6.65 14.64
C SER B 337 35.91 -5.31 14.05
N ASP B 338 36.89 -4.70 14.70
CA ASP B 338 37.46 -3.50 14.14
C ASP B 338 38.12 -3.67 12.80
N GLU B 339 38.69 -4.84 12.54
CA GLU B 339 39.28 -5.20 11.27
C GLU B 339 38.21 -5.35 10.14
N ALA B 340 37.12 -6.01 10.45
CA ALA B 340 36.00 -6.14 9.51
C ALA B 340 35.41 -4.78 9.23
N THR B 341 35.37 -3.91 10.25
CA THR B 341 34.87 -2.57 10.06
C THR B 341 35.73 -1.83 9.05
N ASP B 342 37.04 -1.85 9.27
CA ASP B 342 37.95 -1.25 8.33
C ASP B 342 37.77 -1.79 6.92
N THR B 343 37.60 -3.08 6.78
CA THR B 343 37.33 -3.69 5.47
C THR B 343 36.07 -3.17 4.77
N VAL B 344 34.98 -3.14 5.53
CA VAL B 344 33.73 -2.56 5.03
C VAL B 344 33.95 -1.12 4.53
N LEU B 345 34.68 -0.34 5.30
CA LEU B 345 34.86 1.04 4.96
C LEU B 345 35.74 1.24 3.70
N GLU B 346 36.78 0.44 3.58
CA GLU B 346 37.60 0.49 2.36
C GLU B 346 36.78 0.20 1.12
N HIS B 347 35.93 -0.82 1.17
CA HIS B 347 35.16 -1.26 0.02
C HIS B 347 34.02 -0.28 -0.30
N ALA B 348 33.46 0.33 0.75
CA ALA B 348 32.49 1.38 0.60
C ALA B 348 33.04 2.62 -0.09
N ALA B 349 34.28 2.96 0.20
CA ALA B 349 34.89 4.11 -0.41
C ALA B 349 35.04 3.95 -1.91
N ASP B 350 34.98 2.72 -2.42
CA ASP B 350 35.10 2.48 -3.83
C ASP B 350 33.80 2.50 -4.59
N ILE B 351 32.65 2.73 -3.92
CA ILE B 351 31.37 2.61 -4.57
C ILE B 351 31.31 3.58 -5.71
N ALA B 352 30.88 3.10 -6.87
CA ALA B 352 30.79 3.90 -8.09
C ALA B 352 29.33 4.35 -8.44
N SER B 353 28.36 3.44 -8.42
CA SER B 353 27.02 3.78 -8.81
C SER B 353 26.25 4.54 -7.70
N PRO B 354 25.42 5.54 -8.06
CA PRO B 354 24.49 6.11 -7.06
C PRO B 354 23.39 5.26 -6.54
N PHE B 355 23.23 4.05 -7.05
CA PHE B 355 22.19 3.16 -6.57
C PHE B 355 22.73 2.07 -5.66
N THR B 356 24.04 1.89 -5.66
CA THR B 356 24.70 0.80 -4.90
C THR B 356 24.72 1.12 -3.42
N GLN B 357 24.58 0.09 -2.59
CA GLN B 357 24.71 0.31 -1.12
C GLN B 357 25.38 -0.88 -0.52
N LEU B 358 26.19 -0.60 0.49
CA LEU B 358 26.76 -1.65 1.33
C LEU B 358 26.04 -1.53 2.67
N GLU B 359 25.19 -2.52 2.93
CA GLU B 359 24.20 -2.42 4.05
C GLU B 359 24.75 -3.14 5.24
N LEU B 360 24.53 -2.56 6.42
CA LEU B 360 24.86 -3.23 7.66
C LEU B 360 23.64 -3.21 8.56
N LEU B 361 23.06 -4.38 8.77
CA LEU B 361 21.86 -4.58 9.50
C LEU B 361 22.21 -5.29 10.82
N TYR B 362 21.40 -4.98 11.83
CA TYR B 362 21.48 -5.66 13.16
C TYR B 362 20.12 -6.27 13.49
N LEU B 363 20.02 -7.61 13.52
CA LEU B 363 18.75 -8.26 13.81
C LEU B 363 18.75 -8.63 15.32
N GLY B 364 18.94 -9.87 15.73
CA GLY B 364 18.83 -10.19 17.16
C GLY B 364 17.47 -9.87 17.67
N GLY B 365 17.41 -9.39 18.94
CA GLY B 365 16.09 -9.13 19.62
C GLY B 365 15.16 -10.34 19.51
N ALA B 366 13.90 -10.15 19.13
CA ALA B 366 12.93 -11.29 19.14
C ALA B 366 13.33 -12.38 18.16
N VAL B 367 14.07 -12.02 17.06
CA VAL B 367 14.48 -13.00 16.11
C VAL B 367 15.35 -14.09 16.75
N ALA B 368 16.24 -13.65 17.64
CA ALA B 368 17.19 -14.58 18.25
C ALA B 368 16.58 -15.38 19.42
N ARG B 369 15.38 -15.07 19.84
CA ARG B 369 14.79 -15.72 21.02
C ARG B 369 14.02 -16.91 20.60
N VAL B 370 13.77 -17.04 19.32
CA VAL B 370 13.15 -18.22 18.83
C VAL B 370 14.14 -19.37 18.75
N PRO B 371 13.75 -20.55 19.26
CA PRO B 371 14.81 -21.56 19.19
C PRO B 371 15.21 -21.90 17.77
N ASP B 372 16.46 -22.29 17.59
CA ASP B 372 17.00 -22.44 16.25
C ASP B 372 16.21 -23.51 15.50
N ASP B 373 15.83 -24.59 16.17
CA ASP B 373 15.17 -25.69 15.46
C ASP B 373 13.69 -25.48 15.23
N ALA B 374 13.13 -24.36 15.68
CA ALA B 374 11.67 -24.17 15.61
C ALA B 374 11.11 -23.90 14.19
N THR B 375 11.97 -23.45 13.27
CA THR B 375 11.60 -23.20 11.86
C THR B 375 12.78 -23.56 10.98
N ALA B 376 12.53 -23.54 9.68
CA ALA B 376 13.60 -23.78 8.72
C ALA B 376 14.55 -22.63 8.48
N TYR B 377 14.30 -21.48 9.10
CA TYR B 377 15.22 -20.30 8.98
C TYR B 377 16.49 -20.41 9.76
N PRO B 378 17.62 -20.37 9.04
CA PRO B 378 18.90 -20.59 9.71
C PRO B 378 19.52 -19.28 10.17
N ASN B 379 20.53 -19.34 11.05
CA ASN B 379 21.29 -18.18 11.45
C ASN B 379 20.55 -17.16 12.39
N ARG B 380 19.55 -17.57 13.18
CA ARG B 380 18.92 -16.65 14.12
C ARG B 380 19.90 -16.03 15.14
N GLN B 381 20.93 -16.79 15.50
CA GLN B 381 21.86 -16.36 16.52
C GLN B 381 22.97 -15.39 16.02
N SER B 382 23.01 -15.10 14.74
CA SER B 382 24.01 -14.19 14.18
C SER B 382 23.31 -12.83 14.03
N PRO B 383 23.72 -11.88 14.77
CA PRO B 383 22.91 -10.69 14.69
C PRO B 383 23.18 -9.75 13.56
N PHE B 384 24.35 -9.81 12.93
CA PHE B 384 24.68 -8.85 11.87
C PHE B 384 24.39 -9.49 10.52
N VAL B 385 23.89 -8.65 9.61
CA VAL B 385 23.85 -8.99 8.22
C VAL B 385 24.55 -7.93 7.42
N THR B 386 25.36 -8.32 6.43
CA THR B 386 25.94 -7.37 5.52
C THR B 386 25.58 -7.75 4.10
N ASN B 387 25.22 -6.75 3.29
CA ASN B 387 24.79 -7.02 1.90
C ASN B 387 25.51 -6.01 1.01
N LEU B 388 26.37 -6.48 0.12
CA LEU B 388 26.94 -5.65 -0.91
C LEU B 388 25.94 -5.66 -2.08
N ALA B 389 25.14 -4.60 -2.15
CA ALA B 389 23.98 -4.51 -3.02
C ALA B 389 24.30 -3.53 -4.14
N ALA B 390 25.00 -4.05 -5.13
CA ALA B 390 25.23 -3.33 -6.38
C ALA B 390 23.96 -3.19 -7.21
N ALA B 391 23.71 -1.96 -7.69
CA ALA B 391 22.63 -1.63 -8.56
C ALA B 391 23.06 -0.54 -9.52
N TRP B 392 22.65 -0.66 -10.77
CA TRP B 392 23.05 0.33 -11.76
C TRP B 392 22.07 0.26 -12.98
N MET B 393 22.43 0.94 -14.06
CA MET B 393 21.53 1.03 -15.24
C MET B 393 22.12 0.43 -16.48
N ASP B 394 23.37 0.76 -16.80
CA ASP B 394 23.93 0.42 -18.14
C ASP B 394 24.54 -0.98 -18.24
N PRO B 395 24.02 -1.86 -19.15
CA PRO B 395 24.54 -3.23 -19.20
C PRO B 395 26.03 -3.33 -19.48
N THR B 396 26.60 -2.32 -20.12
CA THR B 396 28.08 -2.38 -20.38
C THR B 396 28.90 -2.22 -19.07
N GLU B 397 28.22 -1.85 -17.97
CA GLU B 397 28.86 -1.69 -16.72
C GLU B 397 28.78 -2.94 -15.88
N ASP B 398 28.13 -4.03 -16.39
CA ASP B 398 27.88 -5.17 -15.52
C ASP B 398 29.13 -5.70 -14.84
N ALA B 399 30.22 -5.87 -15.58
CA ALA B 399 31.42 -6.52 -15.06
C ALA B 399 32.05 -5.67 -13.94
N ARG B 400 32.01 -4.37 -14.08
CA ARG B 400 32.56 -3.52 -13.02
C ARG B 400 31.77 -3.58 -11.70
N HIS B 401 30.45 -3.47 -11.80
CA HIS B 401 29.60 -3.52 -10.60
C HIS B 401 29.66 -4.87 -9.89
N THR B 402 29.57 -5.96 -10.65
CA THR B 402 29.65 -7.29 -10.10
C THR B 402 30.98 -7.56 -9.44
N ALA B 403 32.05 -7.05 -10.06
CA ALA B 403 33.38 -7.25 -9.50
C ALA B 403 33.49 -6.56 -8.16
N TRP B 404 32.93 -5.39 -8.03
CA TRP B 404 32.97 -4.61 -6.75
C TRP B 404 32.33 -5.50 -5.62
N ALA B 405 31.19 -6.07 -5.91
CA ALA B 405 30.44 -6.79 -4.86
C ALA B 405 31.23 -8.08 -4.48
N ARG B 406 31.84 -8.72 -5.48
CA ARG B 406 32.58 -9.99 -5.24
C ARG B 406 33.87 -9.71 -4.53
N GLU B 407 34.53 -8.62 -4.89
CA GLU B 407 35.74 -8.24 -4.11
C GLU B 407 35.49 -7.98 -2.64
N GLY B 408 34.42 -7.25 -2.33
CA GLY B 408 34.05 -6.91 -0.94
C GLY B 408 33.70 -8.21 -0.24
N TYR B 409 32.93 -9.08 -0.91
CA TYR B 409 32.60 -10.32 -0.24
C TYR B 409 33.84 -11.17 0.11
N ARG B 410 34.80 -11.28 -0.82
CA ARG B 410 35.99 -12.14 -0.63
C ARG B 410 36.82 -11.54 0.48
N ALA B 411 36.81 -10.23 0.59
CA ALA B 411 37.61 -9.56 1.61
C ALA B 411 37.03 -9.80 2.99
N LEU B 412 35.73 -9.98 3.06
CA LEU B 412 35.08 -10.19 4.32
C LEU B 412 34.88 -11.66 4.61
N ALA B 413 35.36 -12.52 3.76
CA ALA B 413 34.82 -13.88 3.84
C ALA B 413 35.16 -14.68 5.13
N GLY B 414 36.33 -14.44 5.73
CA GLY B 414 36.66 -15.08 7.02
C GLY B 414 35.78 -14.58 8.17
N HIS B 415 35.09 -13.47 8.00
CA HIS B 415 34.19 -13.01 9.06
C HIS B 415 32.76 -13.52 8.89
N LEU B 416 32.41 -13.90 7.68
CA LEU B 416 31.03 -14.20 7.31
C LEU B 416 30.62 -15.67 7.59
N SER B 417 29.36 -15.91 7.89
CA SER B 417 28.83 -17.26 8.01
C SER B 417 27.39 -17.32 7.40
N GLY B 418 26.95 -18.48 6.98
CA GLY B 418 25.61 -18.63 6.49
C GLY B 418 25.34 -17.73 5.31
N GLY B 419 24.07 -17.37 5.15
CA GLY B 419 23.61 -16.53 4.10
C GLY B 419 22.09 -16.54 4.19
N TYR B 420 21.46 -15.41 3.95
CA TYR B 420 19.98 -15.35 3.86
C TYR B 420 19.61 -15.82 2.44
N VAL B 421 18.81 -16.86 2.34
CA VAL B 421 18.43 -17.35 1.00
C VAL B 421 17.83 -16.24 0.11
N ASN B 422 17.14 -15.29 0.72
CA ASN B 422 16.47 -14.22 -0.02
C ASN B 422 17.41 -13.07 -0.49
N PHE B 423 18.71 -13.14 -0.19
CA PHE B 423 19.69 -12.24 -0.72
C PHE B 423 20.68 -12.87 -1.68
N MET B 424 20.39 -14.07 -2.20
CA MET B 424 21.34 -14.78 -3.01
C MET B 424 21.19 -14.32 -4.45
N ASN B 425 22.30 -14.31 -5.16
CA ASN B 425 22.31 -13.93 -6.53
C ASN B 425 22.21 -15.12 -7.48
N PRO B 426 22.16 -14.84 -8.79
CA PRO B 426 21.85 -15.90 -9.74
C PRO B 426 22.92 -16.97 -9.78
N GLY B 427 24.13 -16.64 -9.35
CA GLY B 427 25.25 -17.57 -9.36
C GLY B 427 25.51 -18.39 -8.11
N GLU B 428 24.60 -18.28 -7.15
CA GLU B 428 24.87 -18.80 -5.81
C GLU B 428 24.10 -20.07 -5.47
N ALA B 429 23.73 -20.89 -6.49
CA ALA B 429 23.03 -22.14 -6.24
C ALA B 429 23.76 -23.02 -5.24
N ASP B 430 25.08 -23.01 -5.35
CA ASP B 430 26.01 -23.76 -4.51
C ASP B 430 26.08 -23.35 -3.02
N ARG B 431 25.47 -22.21 -2.64
CA ARG B 431 25.47 -21.73 -1.26
C ARG B 431 24.34 -22.33 -0.38
N THR B 432 23.45 -23.16 -0.92
CA THR B 432 22.28 -23.58 -0.15
C THR B 432 22.61 -24.41 1.08
N ARG B 433 23.49 -25.43 0.94
CA ARG B 433 23.85 -26.24 2.07
C ARG B 433 24.51 -25.46 3.19
N GLU B 434 25.37 -24.52 2.86
CA GLU B 434 26.03 -23.73 3.88
C GLU B 434 25.09 -22.67 4.51
N ALA B 435 24.13 -22.18 3.74
CA ALA B 435 23.12 -21.22 4.23
C ALA B 435 22.30 -21.89 5.35
N TYR B 436 21.82 -23.10 5.10
CA TYR B 436 20.97 -23.82 6.02
C TYR B 436 21.70 -24.57 7.12
N GLY B 437 22.90 -25.03 6.84
CA GLY B 437 23.65 -25.95 7.68
C GLY B 437 23.17 -27.37 7.47
N ALA B 438 23.97 -28.30 7.92
CA ALA B 438 23.70 -29.70 7.60
C ALA B 438 22.43 -30.30 8.15
N ALA B 439 22.12 -30.02 9.39
CA ALA B 439 20.99 -30.66 10.05
C ALA B 439 19.67 -30.15 9.44
N LYS B 440 19.55 -28.82 9.29
CA LYS B 440 18.42 -28.22 8.54
C LYS B 440 18.35 -28.65 7.11
N PHE B 441 19.47 -28.63 6.41
CA PHE B 441 19.42 -29.05 4.97
C PHE B 441 18.88 -30.48 4.85
N GLU B 442 19.38 -31.39 5.68
CA GLU B 442 18.89 -32.76 5.68
C GLU B 442 17.41 -32.94 6.07
N ARG B 443 16.91 -32.20 7.04
CA ARG B 443 15.52 -32.32 7.42
C ARG B 443 14.68 -31.77 6.25
N LEU B 444 15.15 -30.68 5.63
CA LEU B 444 14.40 -30.14 4.46
C LEU B 444 14.36 -31.13 3.29
N GLN B 445 15.45 -31.84 3.05
CA GLN B 445 15.44 -32.87 2.01
C GLN B 445 14.42 -33.96 2.27
N GLY B 446 14.22 -34.32 3.52
CA GLY B 446 13.20 -35.29 3.86
C GLY B 446 11.82 -34.81 3.62
N VAL B 447 11.56 -33.52 3.93
CA VAL B 447 10.26 -32.96 3.63
C VAL B 447 10.06 -32.86 2.12
N LYS B 448 11.12 -32.48 1.40
CA LYS B 448 11.07 -32.45 -0.04
C LYS B 448 10.70 -33.81 -0.63
N ALA B 449 11.36 -34.87 -0.15
CA ALA B 449 11.08 -36.27 -0.62
C ALA B 449 9.64 -36.59 -0.47
N LYS B 450 9.01 -36.10 0.59
CA LYS B 450 7.59 -36.37 0.82
C LYS B 450 6.68 -35.54 -0.07
N TYR B 451 6.89 -34.22 -0.09
CA TYR B 451 5.95 -33.31 -0.79
C TYR B 451 6.30 -32.90 -2.24
N ASP B 452 7.55 -32.97 -2.63
CA ASP B 452 7.92 -32.66 -4.00
C ASP B 452 9.02 -33.63 -4.45
N PRO B 453 8.69 -34.95 -4.53
CA PRO B 453 9.72 -35.92 -4.76
C PRO B 453 10.31 -35.84 -6.15
N THR B 454 9.60 -35.29 -7.14
CA THR B 454 10.13 -35.05 -8.50
C THR B 454 10.82 -33.69 -8.68
N ASN B 455 10.90 -32.90 -7.59
CA ASN B 455 11.54 -31.54 -7.62
C ASN B 455 10.92 -30.76 -8.81
N LEU B 456 9.59 -30.76 -8.84
CA LEU B 456 8.81 -29.89 -9.73
C LEU B 456 9.09 -28.39 -9.51
N PHE B 457 9.33 -28.03 -8.29
CA PHE B 457 9.63 -26.64 -7.89
C PHE B 457 11.12 -26.55 -7.62
N ARG B 458 11.88 -26.17 -8.64
CA ARG B 458 13.29 -26.06 -8.47
C ARG B 458 13.88 -24.68 -8.80
N LEU B 459 13.05 -23.66 -9.06
CA LEU B 459 13.50 -22.27 -9.33
C LEU B 459 13.30 -21.48 -8.06
N ASN B 460 14.30 -21.73 -7.23
CA ASN B 460 14.36 -21.29 -5.89
C ASN B 460 15.76 -21.65 -5.41
N GLN B 461 16.05 -21.36 -4.16
CA GLN B 461 17.32 -21.85 -3.51
C GLN B 461 16.99 -23.30 -3.18
N ASN B 462 17.40 -24.15 -4.10
CA ASN B 462 16.72 -25.42 -4.24
C ASN B 462 17.27 -26.48 -3.32
N ILE B 463 16.35 -27.25 -2.78
CA ILE B 463 16.65 -28.38 -1.92
C ILE B 463 16.24 -29.67 -2.64
N PRO B 464 17.18 -30.39 -3.18
CA PRO B 464 16.73 -31.60 -3.88
C PRO B 464 16.22 -32.66 -2.94
N PRO B 465 15.29 -33.46 -3.36
CA PRO B 465 14.76 -34.45 -2.44
C PRO B 465 15.75 -35.58 -2.07
N SER B 466 15.74 -36.04 -0.82
CA SER B 466 16.77 -36.98 -0.35
C SER B 466 16.66 -38.34 -1.05
#